data_7VUH
#
_entry.id   7VUH
#
_cell.length_a   1.00
_cell.length_b   1.00
_cell.length_c   1.00
_cell.angle_alpha   90.00
_cell.angle_beta   90.00
_cell.angle_gamma   90.00
#
_symmetry.space_group_name_H-M   'P 1'
#
loop_
_entity.id
_entity.type
_entity.pdbx_description
1 polymer 'Isoform Gnas-2 of Guanine nucleotide-binding protein G(s) subunit alpha isoforms short'
2 polymer 'Guanine nucleotide-binding protein G(I)/G(S)/G(T) subunit beta-1'
3 polymer 'Guanine nucleotide-binding protein G(I)/G(S)/G(O) subunit gamma-2'
4 polymer 'Nanobody 35'
5 polymer 'chimera of Endo-1,4-beta-xylanase and Probable G-protein coupled receptor 139'
6 non-polymer 3-chloranyl-N-[2-oxidanylidene-2-[[(1S)-1-phenylethyl]amino]ethyl]benzamide
#
loop_
_entity_poly.entity_id
_entity_poly.type
_entity_poly.pdbx_seq_one_letter_code
_entity_poly.pdbx_strand_id
1 'polypeptide(L)'
;HHHHHHENLYFQGNSKTEDQRNEEKAQREANKKIEKQLQKDKQVYRATHRLLLLGADNSGKSTIVKQMRILHGGSGGSGG
TSGIFETKFQVDKVNFHMFDVGGQRDERRKWIQCFNDVTAIIFVVDSSDYNRLQEALNLFKSIWNNRWLRTISVILFLNK
QDLLAEKVLAGKSKIEDYFPEFARYTTPEDATPEPGEDPRVTRAKYFIRDEFLRISTASGDGRHYCYPHFTCAVDTENAR
RIFNDCKDIILQMNLREYNLV
;
A
2 'polypeptide(L)'
;IGRARGFSELDQLRQEAEQLKNQIRDARKACADATLSQITNNIDPVGRIQMRTRRTLRGHLAKIYAMHWGTDSRLLVSAS
QDGKLIIWDSYTTNKVHAIPLRSSWVMTCAYAPSGNYVACGGLDNICSIYNLKTREGNVRVSRELAGHTGYLSCCRFLDD
NQIVTSSGDTTCALWDIETGQQTTTFTGHTGDVMSLSLAPDTRLFVSGACDASAKLWDVREGMCRQTFTGHESDINAICF
FPNGNAFATGSDDATCRLFDLRADQELMTYSHDNIICGITSVSFSKSGRLLLAGYDDFNCNVWDALKADRAGVLAGHDNR
VSCLGVTDDGMAVATGSWDSFLKIWN
;
B
3 'polypeptide(L)' MASNNTASIAQARKLVEQLKMEANIDRIKVSKAAADLMAYCEAHAKEDPLLTPVPASENPFREKKFFCAIL G
4 'polypeptide(L)'
;MKYLLPTAAAGLLLLAAQPAMAMQVQLQESGGGLVQPGGSLRLSCAASGFTFSNYKMNWVRQAPGKGLEWVSDISQSGAS
ISYTGSVKGRFTISRDNAKNTLYLQMNSLKPEDTAVYYCARCPAPFTRDCFDVTSTTYAYRGQGTQVTVSSHHHHHH
;
N
5 'polypeptide(L)'
;HHHHHHHHHHDYKDDDDKENLYFQSGAPASTDYWQNWTFGGGIVNAVNGSGGNYSVNWSNTGNFVVGKGWTTGSPFRTIN
YNAGVWAPNGNGYLTLYGWTRSPLIEYYVVDSWGTYRPTGTYKGTVKSDGGTYDIYTTTRYNAPSIDGDDTTFTQYWSVR
QSKRPTGSNATITFTNHVNAWKSHGMNLGSNWAYQVMATEGYQSSGSSNVTVWEHTHAHLAANSSLSWWSPGSACGLGFV
PVVYYSLLLCLGLPANILTVIILSQLVARRQKSVYNYLLALAAADILVLFFIVFVDFLLEDFILNMQMPQVPDKIIEVLE
FSSIHTSIWITVPLTIDRYIAVCHPLKYHTVSYPARTRKVIVSVYITCFLTSIPYYWWPNIWTEDYISTSVHHVLIWIHC
FTVYLVPCSIFFILNSIIVYKLRRKSNFRLRGYSTGKTTAILFTITSIFATLWAPRIIMILYHLYGAPIQNRWLVHIMSD
IANMLALLNTAINFFLYCFISKRFRTMAAATLKAFFKCQKQPVQFYTNHNFSI
;
R
#
loop_
_chem_comp.id
_chem_comp.type
_chem_comp.name
_chem_comp.formula
7ZQ non-polymer 3-chloranyl-N-[2-oxidanylidene-2-[[(1S)-1-phenylethyl]amino]ethyl]benzamide 'C17 H17 Cl N2 O2'
#
# COMPACT_ATOMS: atom_id res chain seq x y z
N THR A 17 13.18 43.24 4.51
CA THR A 17 12.97 41.91 3.96
C THR A 17 14.26 41.31 3.42
N GLU A 18 15.32 42.13 3.37
CA GLU A 18 16.61 41.64 2.88
C GLU A 18 17.16 40.54 3.77
N ASP A 19 17.06 40.71 5.09
CA ASP A 19 17.47 39.65 6.01
C ASP A 19 16.60 38.42 5.84
N GLN A 20 15.28 38.60 5.71
CA GLN A 20 14.40 37.47 5.45
C GLN A 20 14.71 36.83 4.11
N ARG A 21 15.04 37.62 3.10
CA ARG A 21 15.38 37.06 1.79
C ARG A 21 16.64 36.22 1.86
N ASN A 22 17.67 36.69 2.57
CA ASN A 22 18.91 35.92 2.64
C ASN A 22 18.74 34.67 3.50
N GLU A 23 17.95 34.76 4.57
CA GLU A 23 17.67 33.58 5.37
C GLU A 23 16.85 32.55 4.59
N GLU A 24 15.94 33.00 3.73
CA GLU A 24 15.16 32.06 2.92
C GLU A 24 16.00 31.48 1.79
N LYS A 25 16.96 32.24 1.27
CA LYS A 25 17.92 31.67 0.33
C LYS A 25 18.76 30.60 1.01
N ALA A 26 19.12 30.83 2.28
CA ALA A 26 19.80 29.81 3.08
C ALA A 26 18.94 28.57 3.27
N GLN A 27 17.63 28.68 3.07
CA GLN A 27 16.73 27.53 3.09
C GLN A 27 16.59 26.86 1.73
N ARG A 28 16.53 27.64 0.66
CA ARG A 28 16.45 27.04 -0.67
C ARG A 28 17.73 26.32 -1.03
N GLU A 29 18.88 26.79 -0.54
CA GLU A 29 20.12 26.05 -0.74
C GLU A 29 20.09 24.70 -0.05
N ALA A 30 19.60 24.67 1.19
CA ALA A 30 19.44 23.40 1.89
C ALA A 30 18.44 22.49 1.17
N ASN A 31 17.37 23.07 0.64
CA ASN A 31 16.41 22.29 -0.14
C ASN A 31 17.08 21.68 -1.37
N LYS A 32 17.91 22.47 -2.06
CA LYS A 32 18.61 21.94 -3.23
C LYS A 32 19.55 20.80 -2.85
N LYS A 33 20.27 20.95 -1.75
CA LYS A 33 21.15 19.88 -1.30
C LYS A 33 20.36 18.63 -0.96
N ILE A 34 19.23 18.80 -0.27
CA ILE A 34 18.39 17.66 0.09
C ILE A 34 17.84 16.99 -1.15
N GLU A 35 17.41 17.77 -2.14
CA GLU A 35 16.93 17.20 -3.40
C GLU A 35 18.02 16.41 -4.10
N LYS A 36 19.24 16.95 -4.16
CA LYS A 36 20.34 16.23 -4.79
C LYS A 36 20.59 14.91 -4.10
N GLN A 37 20.66 14.92 -2.76
CA GLN A 37 20.89 13.69 -2.03
C GLN A 37 19.72 12.72 -2.16
N LEU A 38 18.49 13.23 -2.29
CA LEU A 38 17.34 12.35 -2.42
C LEU A 38 17.29 11.69 -3.79
N GLN A 39 17.68 12.40 -4.84
CA GLN A 39 17.83 11.75 -6.14
C GLN A 39 18.94 10.71 -6.12
N LYS A 40 20.05 11.02 -5.43
CA LYS A 40 21.12 10.04 -5.30
C LYS A 40 20.64 8.80 -4.55
N ASP A 41 19.80 8.97 -3.53
CA ASP A 41 19.25 7.83 -2.80
C ASP A 41 18.22 7.07 -3.62
N LYS A 42 17.47 7.79 -4.46
CA LYS A 42 16.55 7.15 -5.39
C LYS A 42 17.30 6.25 -6.36
N GLN A 43 18.46 6.70 -6.84
CA GLN A 43 19.29 5.82 -7.67
C GLN A 43 19.83 4.61 -6.91
N VAL A 44 19.54 4.50 -5.62
CA VAL A 44 19.94 3.34 -4.83
C VAL A 44 18.75 2.52 -4.35
N TYR A 45 17.60 3.15 -4.08
CA TYR A 45 16.42 2.47 -3.58
C TYR A 45 15.68 1.68 -4.65
N ARG A 46 15.61 2.19 -5.88
CA ARG A 46 14.98 1.46 -6.97
C ARG A 46 15.93 0.48 -7.65
N ALA A 47 17.22 0.54 -7.33
CA ALA A 47 18.19 -0.40 -7.89
C ALA A 47 18.36 -1.62 -6.99
N THR A 48 17.63 -1.71 -5.89
CA THR A 48 17.62 -2.86 -5.01
C THR A 48 16.20 -3.32 -4.81
N HIS A 49 16.03 -4.62 -4.56
CA HIS A 49 14.73 -5.23 -4.40
C HIS A 49 14.64 -5.86 -3.01
N ARG A 50 13.84 -5.26 -2.14
CA ARG A 50 13.68 -5.77 -0.79
C ARG A 50 12.87 -7.06 -0.81
N LEU A 51 13.35 -8.06 -0.08
CA LEU A 51 12.73 -9.37 0.00
C LEU A 51 12.43 -9.67 1.45
N LEU A 52 11.28 -10.28 1.72
CA LEU A 52 10.88 -10.63 3.07
C LEU A 52 10.87 -12.14 3.23
N LEU A 53 11.52 -12.63 4.28
CA LEU A 53 11.71 -14.05 4.52
C LEU A 53 10.89 -14.47 5.74
N LEU A 54 9.85 -15.28 5.50
CA LEU A 54 9.07 -15.85 6.58
C LEU A 54 9.42 -17.33 6.75
N GLY A 55 8.68 -18.01 7.62
CA GLY A 55 8.91 -19.40 7.93
C GLY A 55 8.81 -19.64 9.43
N ALA A 56 9.00 -20.89 9.80
CA ALA A 56 8.98 -21.31 11.19
C ALA A 56 10.39 -21.64 11.65
N ASP A 57 10.52 -21.94 12.94
CA ASP A 57 11.83 -22.22 13.51
C ASP A 57 12.44 -23.47 12.89
N ASN A 58 11.64 -24.53 12.70
CA ASN A 58 12.17 -25.76 12.15
C ASN A 58 12.63 -25.59 10.70
N SER A 59 12.00 -24.69 9.95
CA SER A 59 12.39 -24.46 8.57
C SER A 59 13.77 -23.82 8.53
N GLY A 60 14.68 -24.44 7.77
CA GLY A 60 16.05 -23.97 7.71
C GLY A 60 16.23 -22.73 6.85
N LYS A 61 15.49 -21.66 7.19
CA LYS A 61 15.68 -20.40 6.48
C LYS A 61 17.05 -19.80 6.73
N SER A 62 17.61 -20.04 7.92
CA SER A 62 18.94 -19.53 8.22
C SER A 62 20.01 -20.19 7.36
N THR A 63 19.82 -21.47 7.02
CA THR A 63 20.75 -22.13 6.10
C THR A 63 20.75 -21.46 4.73
N ILE A 64 19.57 -21.15 4.22
CA ILE A 64 19.49 -20.45 2.93
C ILE A 64 20.08 -19.05 3.05
N VAL A 65 19.86 -18.39 4.19
CA VAL A 65 20.44 -17.08 4.43
C VAL A 65 21.96 -17.14 4.35
N LYS A 66 22.56 -18.13 5.03
CA LYS A 66 24.00 -18.28 4.99
C LYS A 66 24.50 -18.61 3.59
N GLN A 67 23.78 -19.50 2.89
CA GLN A 67 24.19 -19.90 1.54
C GLN A 67 24.20 -18.70 0.60
N MET A 68 23.18 -17.85 0.67
CA MET A 68 23.19 -16.66 -0.19
C MET A 68 24.07 -15.55 0.39
N ARG A 69 24.45 -15.65 1.66
CA ARG A 69 25.44 -14.74 2.21
C ARG A 69 26.82 -15.03 1.63
N ILE A 70 27.13 -16.31 1.40
CA ILE A 70 28.38 -16.65 0.73
C ILE A 70 28.43 -16.02 -0.65
N LEU A 71 27.32 -16.02 -1.37
CA LEU A 71 27.24 -15.39 -2.68
C LEU A 71 26.96 -13.90 -2.54
N SER A 78 24.47 -9.57 4.33
CA SER A 78 25.92 -9.60 4.53
C SER A 78 26.25 -9.59 6.03
N GLY A 79 25.83 -8.53 6.72
CA GLY A 79 26.10 -8.41 8.13
C GLY A 79 24.94 -7.84 8.93
N GLY A 80 24.51 -8.57 9.95
CA GLY A 80 23.45 -8.09 10.82
C GLY A 80 23.19 -9.02 12.00
N THR A 81 23.10 -8.45 13.21
CA THR A 81 22.84 -9.24 14.41
C THR A 81 21.91 -8.49 15.37
N SER A 82 21.12 -7.54 14.87
CA SER A 82 20.24 -6.72 15.71
C SER A 82 18.79 -7.21 15.67
N GLY A 83 18.59 -8.52 15.60
CA GLY A 83 17.25 -9.08 15.55
C GLY A 83 16.69 -9.32 14.16
N ILE A 84 16.74 -8.30 13.32
CA ILE A 84 16.30 -8.39 11.93
C ILE A 84 17.54 -8.60 11.09
N PHE A 85 17.76 -9.84 10.64
CA PHE A 85 18.98 -10.20 9.94
C PHE A 85 18.84 -9.82 8.47
N GLU A 86 19.39 -8.66 8.11
CA GLU A 86 19.46 -8.28 6.71
C GLU A 86 20.40 -9.23 5.97
N THR A 87 20.05 -9.53 4.72
CA THR A 87 20.87 -10.41 3.89
C THR A 87 21.03 -9.73 2.53
N LYS A 88 22.10 -8.94 2.40
CA LYS A 88 22.41 -8.28 1.14
C LYS A 88 23.18 -9.25 0.25
N PHE A 89 22.65 -9.50 -0.94
CA PHE A 89 23.30 -10.38 -1.90
C PHE A 89 22.97 -9.92 -3.31
N GLN A 90 23.95 -10.02 -4.20
CA GLN A 90 23.76 -9.64 -5.59
C GLN A 90 24.09 -10.82 -6.48
N VAL A 91 23.32 -10.99 -7.55
CA VAL A 91 23.60 -11.97 -8.59
C VAL A 91 23.33 -11.29 -9.93
N ASP A 92 24.28 -11.40 -10.85
CA ASP A 92 24.23 -10.72 -12.15
C ASP A 92 24.02 -9.22 -11.97
N LYS A 93 24.88 -8.62 -11.14
CA LYS A 93 25.00 -7.17 -11.00
C LYS A 93 23.71 -6.50 -10.54
N VAL A 94 22.77 -7.27 -9.99
CA VAL A 94 21.58 -6.73 -9.34
C VAL A 94 21.51 -7.30 -7.93
N ASN A 95 21.26 -6.44 -6.95
CA ASN A 95 21.35 -6.80 -5.54
C ASN A 95 19.97 -6.76 -4.91
N PHE A 96 19.57 -7.88 -4.32
CA PHE A 96 18.36 -7.94 -3.51
C PHE A 96 18.70 -7.71 -2.05
N HIS A 97 17.68 -7.43 -1.25
CA HIS A 97 17.84 -7.11 0.17
C HIS A 97 16.83 -7.91 0.97
N MET A 98 17.25 -9.06 1.48
CA MET A 98 16.37 -9.91 2.27
C MET A 98 16.21 -9.34 3.67
N PHE A 99 15.08 -9.66 4.30
CA PHE A 99 14.76 -9.13 5.62
C PHE A 99 14.26 -10.28 6.47
N ASP A 100 15.12 -10.80 7.35
CA ASP A 100 14.76 -11.89 8.24
C ASP A 100 14.34 -11.30 9.58
N VAL A 101 13.07 -10.87 9.60
CA VAL A 101 12.48 -10.28 10.79
C VAL A 101 11.98 -11.39 11.71
N GLY A 102 12.57 -11.47 12.90
CA GLY A 102 12.19 -12.50 13.84
C GLY A 102 12.23 -12.07 15.29
N GLY A 103 12.60 -10.81 15.53
CA GLY A 103 12.69 -10.31 16.89
C GLY A 103 11.38 -9.91 17.52
N GLN A 104 10.30 -9.89 16.76
CA GLN A 104 9.01 -9.50 17.29
C GLN A 104 8.33 -10.68 17.96
N ARG A 105 7.09 -10.48 18.39
CA ARG A 105 6.36 -11.51 19.11
C ARG A 105 5.78 -12.52 18.12
N ASP A 106 4.91 -13.40 18.62
CA ASP A 106 4.24 -14.37 17.75
C ASP A 106 3.06 -13.77 17.00
N GLU A 107 2.59 -12.60 17.41
CA GLU A 107 1.52 -11.91 16.70
C GLU A 107 2.12 -11.01 15.64
N ARG A 108 1.68 -11.18 14.39
CA ARG A 108 2.29 -10.46 13.29
C ARG A 108 1.29 -9.80 12.37
N ARG A 109 0.05 -9.57 12.84
CA ARG A 109 -0.96 -8.97 11.98
C ARG A 109 -0.77 -7.46 11.82
N LYS A 110 0.15 -6.84 12.55
CA LYS A 110 0.34 -5.40 12.48
C LYS A 110 1.69 -4.97 11.92
N TRP A 111 2.76 -5.70 12.19
CA TRP A 111 4.05 -5.34 11.62
C TRP A 111 4.29 -5.95 10.25
N ILE A 112 3.43 -6.88 9.81
CA ILE A 112 3.53 -7.39 8.45
C ILE A 112 3.04 -6.39 7.42
N GLN A 113 2.35 -5.34 7.87
CA GLN A 113 1.89 -4.31 6.96
C GLN A 113 3.01 -3.40 6.48
N CYS A 114 4.15 -3.38 7.19
CA CYS A 114 5.30 -2.62 6.72
C CYS A 114 5.81 -3.15 5.40
N PHE A 115 5.66 -4.46 5.16
CA PHE A 115 6.16 -5.09 3.95
C PHE A 115 5.05 -5.19 2.91
N ASN A 116 4.58 -4.02 2.47
CA ASN A 116 3.62 -3.97 1.37
C ASN A 116 4.31 -3.79 0.03
N ASP A 117 5.39 -3.02 -0.02
CA ASP A 117 6.12 -2.75 -1.24
C ASP A 117 7.20 -3.79 -1.53
N VAL A 118 7.32 -4.81 -0.69
CA VAL A 118 8.28 -5.88 -0.94
C VAL A 118 7.93 -6.59 -2.24
N THR A 119 8.95 -6.78 -3.08
CA THR A 119 8.73 -7.38 -4.39
C THR A 119 8.21 -8.80 -4.27
N ALA A 120 8.75 -9.58 -3.34
CA ALA A 120 8.33 -10.98 -3.18
C ALA A 120 8.55 -11.40 -1.74
N ILE A 121 7.57 -12.12 -1.19
CA ILE A 121 7.69 -12.72 0.12
C ILE A 121 8.25 -14.12 -0.07
N ILE A 122 9.36 -14.42 0.62
CA ILE A 122 10.00 -15.72 0.53
C ILE A 122 9.52 -16.58 1.68
N PHE A 123 8.88 -17.71 1.35
CA PHE A 123 8.29 -18.61 2.33
C PHE A 123 9.06 -19.91 2.32
N VAL A 124 9.75 -20.20 3.43
CA VAL A 124 10.48 -21.45 3.58
C VAL A 124 9.65 -22.38 4.45
N VAL A 125 9.23 -23.51 3.88
CA VAL A 125 8.37 -24.46 4.56
C VAL A 125 9.18 -25.71 4.90
N ASP A 126 9.01 -26.21 6.11
CA ASP A 126 9.72 -27.40 6.58
C ASP A 126 9.05 -28.62 5.98
N SER A 127 9.59 -29.10 4.85
CA SER A 127 8.93 -30.14 4.08
C SER A 127 8.97 -31.51 4.73
N SER A 128 9.80 -31.71 5.75
CA SER A 128 9.93 -33.00 6.39
C SER A 128 9.16 -33.10 7.70
N ASP A 129 8.39 -32.08 8.06
CA ASP A 129 7.60 -32.09 9.28
C ASP A 129 6.14 -32.29 8.89
N TYR A 130 5.62 -33.50 9.13
CA TYR A 130 4.21 -33.75 8.89
C TYR A 130 3.35 -33.12 9.97
N ASN A 131 3.85 -33.09 11.21
CA ASN A 131 3.08 -32.55 12.32
C ASN A 131 2.81 -31.06 12.16
N ARG A 132 3.82 -30.30 11.73
CA ARG A 132 3.73 -28.85 11.66
C ARG A 132 3.61 -28.35 10.22
N LEU A 133 2.99 -29.16 9.36
CA LEU A 133 2.82 -28.77 7.97
C LEU A 133 1.47 -28.10 7.73
N GLN A 134 0.44 -28.51 8.45
CA GLN A 134 -0.83 -27.81 8.40
C GLN A 134 -0.70 -26.39 8.91
N GLU A 135 0.15 -26.19 9.92
CA GLU A 135 0.45 -24.85 10.39
C GLU A 135 1.09 -23.99 9.30
N ALA A 136 2.00 -24.56 8.52
CA ALA A 136 2.62 -23.85 7.41
C ALA A 136 1.62 -23.49 6.32
N LEU A 137 0.72 -24.41 5.97
CA LEU A 137 -0.34 -24.07 5.03
C LEU A 137 -1.24 -22.97 5.58
N ASN A 138 -1.55 -23.01 6.88
CA ASN A 138 -2.36 -21.94 7.48
C ASN A 138 -1.64 -20.60 7.39
N LEU A 139 -0.34 -20.58 7.70
CA LEU A 139 0.45 -19.36 7.58
C LEU A 139 0.48 -18.84 6.15
N PHE A 140 0.65 -19.72 5.17
CA PHE A 140 0.64 -19.30 3.77
C PHE A 140 -0.72 -18.74 3.38
N LYS A 141 -1.80 -19.38 3.84
CA LYS A 141 -3.14 -18.88 3.55
C LYS A 141 -3.35 -17.50 4.14
N SER A 142 -2.84 -17.27 5.36
CA SER A 142 -2.91 -15.94 5.94
C SER A 142 -2.14 -14.93 5.10
N ILE A 143 -0.93 -15.29 4.67
CA ILE A 143 -0.12 -14.40 3.85
C ILE A 143 -0.79 -14.14 2.51
N TRP A 144 -1.29 -15.20 1.88
CA TRP A 144 -1.87 -15.11 0.54
C TRP A 144 -3.16 -14.30 0.51
N ASN A 145 -3.74 -13.98 1.66
CA ASN A 145 -5.04 -13.32 1.71
C ASN A 145 -5.06 -12.04 2.52
N ASN A 146 -3.91 -11.51 2.96
CA ASN A 146 -3.91 -10.24 3.64
C ASN A 146 -4.34 -9.12 2.70
N ARG A 147 -5.12 -8.18 3.23
CA ARG A 147 -5.54 -7.04 2.42
C ARG A 147 -4.35 -6.18 2.02
N TRP A 148 -3.29 -6.18 2.83
CA TRP A 148 -2.10 -5.41 2.54
C TRP A 148 -0.98 -6.25 1.94
N LEU A 149 -1.19 -7.56 1.76
CA LEU A 149 -0.22 -8.43 1.11
C LEU A 149 -0.77 -9.06 -0.15
N ARG A 150 -1.99 -8.73 -0.54
CA ARG A 150 -2.65 -9.35 -1.69
C ARG A 150 -2.06 -8.95 -3.02
N THR A 151 -1.03 -8.11 -3.05
CA THR A 151 -0.35 -7.77 -4.30
C THR A 151 1.08 -8.25 -4.34
N ILE A 152 1.50 -9.06 -3.36
CA ILE A 152 2.86 -9.53 -3.25
C ILE A 152 2.89 -11.01 -3.61
N SER A 153 3.61 -11.34 -4.67
CA SER A 153 3.82 -12.72 -5.05
C SER A 153 4.76 -13.40 -4.05
N VAL A 154 4.56 -14.70 -3.87
CA VAL A 154 5.32 -15.49 -2.90
C VAL A 154 6.23 -16.46 -3.64
N ILE A 155 7.45 -16.59 -3.12
CA ILE A 155 8.43 -17.54 -3.66
C ILE A 155 8.53 -18.66 -2.62
N LEU A 156 7.74 -19.72 -2.82
CA LEU A 156 7.72 -20.84 -1.89
C LEU A 156 9.04 -21.60 -1.95
N PHE A 157 9.49 -22.07 -0.79
CA PHE A 157 10.77 -22.78 -0.66
C PHE A 157 10.55 -24.00 0.23
N LEU A 158 10.26 -25.14 -0.39
CA LEU A 158 10.10 -26.41 0.32
C LEU A 158 11.49 -26.92 0.67
N ASN A 159 11.89 -26.68 1.92
CA ASN A 159 13.28 -26.80 2.32
C ASN A 159 13.61 -28.24 2.73
N LYS A 160 14.89 -28.59 2.52
CA LYS A 160 15.46 -29.89 2.86
C LYS A 160 14.55 -31.04 2.43
N GLN A 161 14.39 -31.17 1.11
CA GLN A 161 13.73 -32.32 0.53
C GLN A 161 14.46 -33.62 0.84
N ASP A 162 15.73 -33.55 1.21
CA ASP A 162 16.49 -34.76 1.53
C ASP A 162 15.93 -35.45 2.78
N LEU A 163 15.56 -34.67 3.80
CA LEU A 163 14.95 -35.26 4.99
C LEU A 163 13.62 -35.93 4.66
N LEU A 164 12.82 -35.29 3.80
CA LEU A 164 11.55 -35.89 3.39
C LEU A 164 11.78 -37.17 2.60
N ALA A 165 12.78 -37.17 1.71
CA ALA A 165 13.09 -38.36 0.92
C ALA A 165 13.52 -39.51 1.83
N GLU A 166 14.34 -39.20 2.83
CA GLU A 166 14.71 -40.23 3.81
C GLU A 166 13.51 -40.71 4.63
N LYS A 167 12.59 -39.80 4.97
CA LYS A 167 11.46 -40.16 5.82
C LYS A 167 10.47 -41.06 5.09
N VAL A 168 10.12 -40.69 3.85
CA VAL A 168 9.17 -41.49 3.09
C VAL A 168 9.77 -42.85 2.72
N LEU A 169 11.08 -42.89 2.44
CA LEU A 169 11.75 -44.11 2.01
C LEU A 169 12.18 -44.98 3.19
N ALA A 170 11.63 -44.74 4.38
CA ALA A 170 11.98 -45.55 5.54
C ALA A 170 10.76 -45.99 6.33
N GLY A 171 9.56 -45.88 5.79
CA GLY A 171 8.36 -46.20 6.53
C GLY A 171 7.98 -45.09 7.48
N LYS A 172 6.97 -45.41 8.33
CA LYS A 172 6.43 -44.52 9.36
C LYS A 172 6.28 -43.08 8.86
N SER A 173 5.94 -42.93 7.58
CA SER A 173 5.77 -41.62 6.98
C SER A 173 4.33 -41.46 6.49
N LYS A 174 3.38 -41.84 7.33
CA LYS A 174 1.97 -41.85 6.95
C LYS A 174 1.43 -40.43 6.83
N ILE A 175 1.87 -39.71 5.80
CA ILE A 175 1.27 -38.42 5.50
C ILE A 175 -0.18 -38.59 5.11
N GLU A 176 -0.59 -39.80 4.72
CA GLU A 176 -2.01 -40.09 4.54
C GLU A 176 -2.76 -40.03 5.87
N ASP A 177 -2.06 -40.21 6.99
CA ASP A 177 -2.70 -40.13 8.30
C ASP A 177 -2.96 -38.68 8.68
N TYR A 178 -1.90 -37.86 8.69
CA TYR A 178 -2.09 -36.45 9.01
C TYR A 178 -2.85 -35.70 7.93
N PHE A 179 -2.72 -36.09 6.67
CA PHE A 179 -3.52 -35.54 5.59
C PHE A 179 -4.27 -36.68 4.91
N PRO A 180 -5.59 -36.79 5.13
CA PRO A 180 -6.32 -37.99 4.68
C PRO A 180 -6.48 -38.11 3.18
N GLU A 181 -6.19 -37.06 2.41
CA GLU A 181 -6.39 -37.09 0.96
C GLU A 181 -5.10 -37.36 0.20
N PHE A 182 -4.23 -38.22 0.75
CA PHE A 182 -3.07 -38.74 0.05
C PHE A 182 -3.32 -40.07 -0.66
N ALA A 183 -3.99 -41.02 0.00
CA ALA A 183 -4.24 -42.30 -0.63
C ALA A 183 -5.09 -42.15 -1.89
N ARG A 184 -5.98 -41.15 -1.90
CA ARG A 184 -6.77 -40.81 -3.08
C ARG A 184 -6.10 -39.67 -3.86
N TYR A 185 -4.85 -39.90 -4.24
CA TYR A 185 -4.05 -38.90 -4.92
C TYR A 185 -3.03 -39.57 -5.82
N THR A 186 -2.74 -38.95 -6.96
CA THR A 186 -1.80 -39.45 -7.95
C THR A 186 -0.86 -38.33 -8.36
N THR A 187 0.39 -38.67 -8.63
CA THR A 187 1.40 -37.66 -8.95
C THR A 187 1.00 -36.90 -10.21
N PRO A 188 1.30 -35.60 -10.26
CA PRO A 188 0.92 -34.80 -11.43
C PRO A 188 1.70 -35.21 -12.67
N GLU A 189 1.06 -34.99 -13.83
CA GLU A 189 1.72 -35.30 -15.09
C GLU A 189 2.88 -34.36 -15.36
N ASP A 190 2.74 -33.09 -14.95
CA ASP A 190 3.78 -32.09 -15.16
C ASP A 190 4.83 -32.17 -14.04
N ALA A 191 5.43 -33.35 -13.94
CA ALA A 191 6.44 -33.63 -12.93
C ALA A 191 7.83 -33.53 -13.52
N THR A 192 8.80 -33.24 -12.65
CA THR A 192 10.21 -33.13 -13.04
C THR A 192 11.03 -34.00 -12.10
N PRO A 193 11.15 -35.29 -12.38
CA PRO A 193 11.89 -36.19 -11.49
C PRO A 193 13.37 -36.27 -11.80
N GLU A 194 14.17 -36.21 -10.73
CA GLU A 194 15.59 -36.44 -10.84
C GLU A 194 15.87 -37.93 -11.03
N PRO A 195 17.01 -38.28 -11.63
CA PRO A 195 17.23 -39.70 -12.01
C PRO A 195 17.16 -40.66 -10.84
N GLY A 196 17.69 -40.28 -9.67
CA GLY A 196 17.71 -41.20 -8.54
C GLY A 196 16.41 -41.25 -7.76
N GLU A 197 15.42 -40.45 -8.14
CA GLU A 197 14.21 -40.33 -7.35
C GLU A 197 13.34 -41.58 -7.45
N ASP A 198 12.38 -41.66 -6.53
CA ASP A 198 11.36 -42.69 -6.48
C ASP A 198 10.01 -42.03 -6.72
N PRO A 199 9.15 -42.59 -7.56
CA PRO A 199 7.80 -42.04 -7.71
C PRO A 199 7.05 -41.81 -6.41
N ARG A 200 7.44 -42.51 -5.34
CA ARG A 200 6.80 -42.32 -4.03
C ARG A 200 7.22 -41.00 -3.39
N VAL A 201 8.53 -40.79 -3.25
CA VAL A 201 9.01 -39.53 -2.70
C VAL A 201 8.66 -38.38 -3.63
N THR A 202 8.66 -38.63 -4.95
CA THR A 202 8.20 -37.62 -5.90
C THR A 202 6.74 -37.27 -5.65
N ARG A 203 5.90 -38.29 -5.41
CA ARG A 203 4.49 -38.03 -5.14
C ARG A 203 4.32 -37.20 -3.88
N ALA A 204 5.08 -37.51 -2.83
CA ALA A 204 4.95 -36.75 -1.59
C ALA A 204 5.42 -35.30 -1.76
N LYS A 205 6.58 -35.12 -2.40
CA LYS A 205 7.16 -33.79 -2.51
C LYS A 205 6.39 -32.91 -3.50
N TYR A 206 5.68 -33.50 -4.45
CA TYR A 206 4.77 -32.73 -5.29
C TYR A 206 3.41 -32.58 -4.63
N PHE A 207 3.06 -33.47 -3.70
CA PHE A 207 1.82 -33.33 -2.95
C PHE A 207 1.85 -32.12 -2.05
N ILE A 208 2.98 -31.88 -1.38
CA ILE A 208 3.11 -30.65 -0.59
C ILE A 208 2.99 -29.42 -1.49
N ARG A 209 3.64 -29.46 -2.66
CA ARG A 209 3.57 -28.35 -3.59
C ARG A 209 2.13 -28.10 -4.03
N ASP A 210 1.40 -29.16 -4.35
CA ASP A 210 0.02 -29.00 -4.78
C ASP A 210 -0.86 -28.51 -3.63
N GLU A 211 -0.56 -28.90 -2.39
CA GLU A 211 -1.24 -28.33 -1.24
C GLU A 211 -1.09 -26.81 -1.21
N PHE A 212 0.13 -26.33 -1.37
CA PHE A 212 0.35 -24.88 -1.31
C PHE A 212 -0.26 -24.17 -2.51
N LEU A 213 -0.14 -24.76 -3.71
CA LEU A 213 -0.71 -24.12 -4.89
C LEU A 213 -2.24 -24.16 -4.88
N ARG A 214 -2.84 -25.08 -4.12
CA ARG A 214 -4.28 -25.09 -3.96
C ARG A 214 -4.74 -23.82 -3.26
N ILE A 215 -4.02 -23.39 -2.23
CA ILE A 215 -4.28 -22.10 -1.61
C ILE A 215 -3.92 -20.97 -2.56
N SER A 216 -2.81 -21.13 -3.29
CA SER A 216 -2.37 -20.09 -4.22
C SER A 216 -3.41 -19.84 -5.30
N THR A 217 -3.91 -20.90 -5.94
CA THR A 217 -4.89 -20.76 -7.01
C THR A 217 -6.32 -20.83 -6.47
N ALA A 218 -6.59 -20.00 -5.46
CA ALA A 218 -7.94 -19.85 -4.92
C ALA A 218 -8.31 -18.40 -4.68
N SER A 219 -7.35 -17.48 -4.73
CA SER A 219 -7.60 -16.04 -4.61
C SER A 219 -6.45 -15.32 -5.32
N GLY A 220 -6.48 -13.99 -5.29
CA GLY A 220 -5.46 -13.24 -5.99
C GLY A 220 -5.58 -13.37 -7.49
N ASP A 221 -6.60 -12.71 -8.06
CA ASP A 221 -6.97 -12.93 -9.46
C ASP A 221 -5.93 -12.30 -10.37
N GLY A 222 -4.85 -13.06 -10.60
CA GLY A 222 -3.84 -12.69 -11.57
C GLY A 222 -2.98 -11.51 -11.18
N ARG A 223 -2.98 -11.17 -9.88
CA ARG A 223 -2.16 -10.06 -9.40
C ARG A 223 -0.97 -10.51 -8.57
N HIS A 224 -0.92 -11.77 -8.13
CA HIS A 224 0.26 -12.29 -7.48
C HIS A 224 0.26 -13.81 -7.60
N TYR A 225 1.46 -14.38 -7.70
CA TYR A 225 1.62 -15.80 -7.98
C TYR A 225 2.56 -16.43 -6.96
N CYS A 226 2.36 -17.72 -6.70
CA CYS A 226 3.24 -18.49 -5.84
C CYS A 226 4.22 -19.27 -6.71
N TYR A 227 5.51 -19.05 -6.51
CA TYR A 227 6.54 -19.74 -7.27
C TYR A 227 7.16 -20.81 -6.38
N PRO A 228 6.82 -22.08 -6.58
CA PRO A 228 7.34 -23.14 -5.70
C PRO A 228 8.66 -23.71 -6.19
N HIS A 229 9.56 -23.95 -5.24
CA HIS A 229 10.88 -24.48 -5.54
C HIS A 229 11.28 -25.48 -4.47
N PHE A 230 11.98 -26.53 -4.89
CA PHE A 230 12.46 -27.56 -3.98
C PHE A 230 13.93 -27.29 -3.66
N THR A 231 14.25 -27.24 -2.37
CA THR A 231 15.62 -27.02 -1.93
C THR A 231 15.97 -28.02 -0.83
N CYS A 232 17.18 -28.55 -0.89
CA CYS A 232 17.71 -29.38 0.17
C CYS A 232 18.49 -28.50 1.15
N ALA A 233 19.22 -29.11 2.07
CA ALA A 233 20.05 -28.35 2.99
C ALA A 233 21.12 -27.58 2.22
N VAL A 234 22.01 -28.30 1.55
CA VAL A 234 23.07 -27.66 0.75
C VAL A 234 22.55 -27.58 -0.69
N ASP A 235 21.84 -26.49 -0.96
CA ASP A 235 21.37 -26.17 -2.31
C ASP A 235 22.01 -24.84 -2.69
N THR A 236 23.10 -24.91 -3.46
CA THR A 236 23.84 -23.70 -3.81
C THR A 236 23.00 -22.76 -4.68
N GLU A 237 22.30 -23.32 -5.67
CA GLU A 237 21.53 -22.50 -6.60
C GLU A 237 20.24 -22.02 -5.97
N ASN A 238 20.34 -21.16 -4.97
CA ASN A 238 19.18 -20.56 -4.33
C ASN A 238 19.01 -19.09 -4.67
N ALA A 239 20.11 -18.33 -4.73
CA ALA A 239 20.03 -16.93 -5.12
C ALA A 239 19.60 -16.77 -6.57
N ARG A 240 20.02 -17.68 -7.45
CA ARG A 240 19.64 -17.58 -8.86
C ARG A 240 18.15 -17.91 -9.06
N ARG A 241 17.63 -18.85 -8.26
CA ARG A 241 16.20 -19.16 -8.36
C ARG A 241 15.35 -17.95 -7.98
N ILE A 242 15.70 -17.28 -6.89
CA ILE A 242 15.01 -16.05 -6.51
C ILE A 242 15.25 -14.97 -7.54
N PHE A 243 16.45 -14.93 -8.12
CA PHE A 243 16.76 -13.99 -9.19
C PHE A 243 15.77 -14.13 -10.34
N ASN A 244 15.59 -15.36 -10.83
CA ASN A 244 14.70 -15.59 -11.95
C ASN A 244 13.24 -15.36 -11.57
N ASP A 245 12.85 -15.78 -10.37
CA ASP A 245 11.48 -15.55 -9.94
C ASP A 245 11.17 -14.07 -9.83
N CYS A 246 12.08 -13.28 -9.26
CA CYS A 246 11.90 -11.84 -9.18
C CYS A 246 11.92 -11.20 -10.56
N LYS A 247 12.73 -11.73 -11.47
CA LYS A 247 12.70 -11.24 -12.85
C LYS A 247 11.31 -11.41 -13.44
N ASP A 248 10.71 -12.58 -13.25
CA ASP A 248 9.36 -12.81 -13.76
C ASP A 248 8.33 -11.92 -13.06
N ILE A 249 8.51 -11.70 -11.75
CA ILE A 249 7.58 -10.85 -11.00
C ILE A 249 7.62 -9.43 -11.54
N ILE A 250 8.83 -8.88 -11.71
CA ILE A 250 8.96 -7.53 -12.25
C ILE A 250 8.42 -7.47 -13.66
N LEU A 251 8.69 -8.51 -14.47
CA LEU A 251 8.17 -8.56 -15.83
C LEU A 251 6.65 -8.45 -15.85
N GLN A 252 5.99 -9.27 -15.04
CA GLN A 252 4.53 -9.24 -15.02
C GLN A 252 4.00 -7.90 -14.53
N MET A 253 4.64 -7.32 -13.52
CA MET A 253 4.17 -6.02 -13.03
C MET A 253 4.38 -4.93 -14.07
N ASN A 254 5.42 -5.05 -14.91
CA ASN A 254 5.58 -4.09 -15.99
C ASN A 254 4.55 -4.30 -17.10
N LEU A 255 4.24 -5.55 -17.42
CA LEU A 255 3.21 -5.79 -18.44
C LEU A 255 1.84 -5.28 -18.00
N ARG A 256 1.46 -5.45 -16.73
CA ARG A 256 0.24 -4.78 -16.31
C ARG A 256 0.47 -3.29 -16.09
N GLU A 257 1.72 -2.87 -15.92
CA GLU A 257 2.04 -1.45 -15.77
C GLU A 257 1.92 -0.73 -17.10
N TYR A 258 2.11 -1.45 -18.21
CA TYR A 258 1.78 -0.95 -19.52
C TYR A 258 0.37 -1.41 -19.89
N ASN A 259 0.00 -1.19 -21.15
CA ASN A 259 -1.31 -1.59 -21.65
C ASN A 259 -1.31 -3.02 -22.19
N LEU A 260 -0.19 -3.74 -22.08
CA LEU A 260 -0.07 -5.05 -22.69
C LEU A 260 -0.83 -6.10 -21.90
N VAL A 261 -0.53 -6.23 -20.60
CA VAL A 261 -1.18 -7.19 -19.72
C VAL A 261 -1.08 -8.61 -20.28
N GLU B 9 -9.14 -22.44 44.34
CA GLU B 9 -8.94 -21.01 44.51
C GLU B 9 -9.02 -20.28 43.17
N LEU B 10 -8.49 -20.92 42.12
CA LEU B 10 -8.51 -20.30 40.80
C LEU B 10 -9.94 -20.10 40.30
N ASP B 11 -10.81 -21.08 40.53
CA ASP B 11 -12.22 -20.92 40.19
C ASP B 11 -12.84 -19.80 41.00
N GLN B 12 -12.50 -19.72 42.29
CA GLN B 12 -12.96 -18.60 43.11
C GLN B 12 -12.42 -17.28 42.59
N LEU B 13 -11.18 -17.27 42.11
CA LEU B 13 -10.62 -16.04 41.54
C LEU B 13 -11.39 -15.60 40.31
N ARG B 14 -11.71 -16.54 39.41
CA ARG B 14 -12.49 -16.19 38.24
C ARG B 14 -13.89 -15.71 38.63
N GLN B 15 -14.50 -16.37 39.63
CA GLN B 15 -15.83 -15.96 40.06
C GLN B 15 -15.83 -14.54 40.63
N GLU B 16 -14.85 -14.22 41.47
CA GLU B 16 -14.80 -12.87 42.03
C GLU B 16 -14.42 -11.83 40.98
N ALA B 17 -13.61 -12.21 39.99
CA ALA B 17 -13.36 -11.31 38.87
C ALA B 17 -14.65 -11.03 38.11
N GLU B 18 -15.49 -12.07 37.92
CA GLU B 18 -16.79 -11.86 37.29
C GLU B 18 -17.66 -10.94 38.12
N GLN B 19 -17.62 -11.09 39.45
CA GLN B 19 -18.39 -10.20 40.32
C GLN B 19 -17.93 -8.75 40.19
N LEU B 20 -16.61 -8.54 40.15
CA LEU B 20 -16.09 -7.18 39.99
C LEU B 20 -16.46 -6.60 38.63
N LYS B 21 -16.43 -7.42 37.58
CA LYS B 21 -16.86 -6.96 36.26
C LYS B 21 -18.33 -6.58 36.28
N ASN B 22 -19.16 -7.39 36.95
CA ASN B 22 -20.57 -7.04 37.08
C ASN B 22 -20.75 -5.74 37.85
N GLN B 23 -19.94 -5.53 38.88
CA GLN B 23 -20.03 -4.29 39.66
C GLN B 23 -19.68 -3.07 38.80
N ILE B 24 -18.60 -3.15 38.03
CA ILE B 24 -18.21 -2.01 37.21
C ILE B 24 -19.23 -1.78 36.09
N ARG B 25 -19.78 -2.86 35.54
CA ARG B 25 -20.83 -2.70 34.53
C ARG B 25 -22.07 -2.04 35.13
N ASP B 26 -22.45 -2.42 36.35
CA ASP B 26 -23.60 -1.78 37.00
C ASP B 26 -23.33 -0.32 37.27
N ALA B 27 -22.11 0.02 37.72
CA ALA B 27 -21.78 1.42 37.96
C ALA B 27 -21.82 2.22 36.66
N ARG B 28 -21.30 1.65 35.57
CA ARG B 28 -21.36 2.32 34.28
C ARG B 28 -22.80 2.52 33.81
N LYS B 29 -23.64 1.51 34.00
CA LYS B 29 -25.04 1.62 33.60
C LYS B 29 -25.76 2.69 34.43
N ALA B 30 -25.50 2.72 35.73
CA ALA B 30 -26.13 3.72 36.59
C ALA B 30 -25.69 5.13 36.23
N CYS B 31 -24.40 5.30 35.92
CA CYS B 31 -23.88 6.61 35.57
C CYS B 31 -24.35 7.09 34.20
N ALA B 32 -24.94 6.21 33.38
CA ALA B 32 -25.41 6.56 32.05
C ALA B 32 -26.80 7.15 32.17
N ASP B 33 -26.91 8.47 32.01
CA ASP B 33 -28.21 9.12 32.06
C ASP B 33 -28.93 9.01 30.72
N ALA B 34 -28.34 9.58 29.67
CA ALA B 34 -28.92 9.54 28.33
C ALA B 34 -27.79 9.51 27.32
N THR B 35 -28.14 9.63 26.05
CA THR B 35 -27.18 9.61 24.96
C THR B 35 -26.75 11.04 24.65
N LEU B 36 -25.47 11.21 24.31
CA LEU B 36 -24.94 12.51 23.92
C LEU B 36 -25.72 13.08 22.73
N SER B 37 -26.23 12.21 21.87
CA SER B 37 -27.00 12.65 20.72
C SER B 37 -28.24 13.43 21.16
N GLN B 38 -28.96 12.93 22.16
CA GLN B 38 -30.18 13.58 22.60
C GLN B 38 -29.91 14.99 23.11
N ILE B 39 -28.83 15.17 23.87
CA ILE B 39 -28.55 16.47 24.48
C ILE B 39 -27.80 17.41 23.56
N THR B 40 -27.26 16.93 22.45
CA THR B 40 -26.70 17.82 21.44
C THR B 40 -27.59 17.99 20.22
N ASN B 41 -28.85 17.57 20.29
CA ASN B 41 -29.80 17.88 19.21
C ASN B 41 -30.28 19.32 19.27
N ASN B 42 -29.97 20.06 20.33
CA ASN B 42 -30.24 21.49 20.40
C ASN B 42 -29.17 22.33 19.74
N ILE B 43 -28.08 21.72 19.30
CA ILE B 43 -27.03 22.42 18.57
C ILE B 43 -27.37 22.39 17.09
N ASP B 44 -27.16 23.51 16.40
CA ASP B 44 -27.25 23.50 14.96
C ASP B 44 -26.09 22.72 14.37
N PRO B 45 -26.31 21.98 13.28
CA PRO B 45 -25.20 21.24 12.67
C PRO B 45 -24.14 22.17 12.12
N VAL B 46 -22.90 21.67 12.14
CA VAL B 46 -21.77 22.49 11.68
C VAL B 46 -21.93 22.86 10.22
N GLY B 47 -22.31 21.90 9.40
CA GLY B 47 -22.43 22.12 7.97
C GLY B 47 -21.27 21.50 7.22
N ARG B 48 -21.42 21.44 5.89
CA ARG B 48 -20.38 20.84 5.06
C ARG B 48 -19.06 21.56 5.25
N ILE B 49 -18.00 20.78 5.39
CA ILE B 49 -16.67 21.31 5.66
C ILE B 49 -15.76 20.93 4.49
N GLN B 50 -15.24 21.93 3.80
CA GLN B 50 -14.38 21.72 2.64
C GLN B 50 -12.99 22.23 2.96
N MET B 51 -12.02 21.33 2.91
CA MET B 51 -10.62 21.66 3.19
C MET B 51 -9.77 21.23 1.99
N ARG B 52 -9.36 22.18 1.18
CA ARG B 52 -8.54 21.88 0.02
C ARG B 52 -7.12 21.51 0.45
N THR B 53 -6.39 20.90 -0.47
CA THR B 53 -4.99 20.54 -0.24
C THR B 53 -4.11 21.74 -0.55
N ARG B 54 -3.57 22.36 0.50
CA ARG B 54 -2.70 23.51 0.32
C ARG B 54 -1.34 23.09 -0.24
N ARG B 55 -0.77 22.03 0.33
CA ARG B 55 0.53 21.53 -0.06
C ARG B 55 0.49 20.03 -0.33
N THR B 56 1.53 19.57 -1.03
CA THR B 56 1.75 18.14 -1.26
C THR B 56 3.25 17.91 -1.05
N LEU B 57 3.62 17.58 0.19
CA LEU B 57 5.01 17.39 0.56
C LEU B 57 5.53 16.16 -0.16
N ARG B 58 6.31 16.38 -1.22
CA ARG B 58 6.67 15.34 -2.17
C ARG B 58 8.18 15.14 -2.13
N GLY B 59 8.65 14.32 -1.20
CA GLY B 59 10.05 13.99 -1.10
C GLY B 59 10.30 12.59 -0.60
N HIS B 60 9.23 11.82 -0.43
CA HIS B 60 9.31 10.48 0.13
C HIS B 60 9.21 9.44 -0.97
N LEU B 61 10.00 8.38 -0.83
CA LEU B 61 10.05 7.32 -1.83
C LEU B 61 9.18 6.12 -1.45
N ALA B 62 9.07 5.82 -0.17
CA ALA B 62 8.24 4.72 0.30
C ALA B 62 7.03 5.26 1.06
N LYS B 63 6.22 4.35 1.56
CA LYS B 63 5.01 4.73 2.30
C LYS B 63 5.39 5.36 3.64
N ILE B 64 4.50 6.20 4.14
CA ILE B 64 4.74 7.02 5.33
C ILE B 64 3.81 6.54 6.43
N TYR B 65 4.39 6.18 7.58
CA TYR B 65 3.58 5.74 8.71
C TYR B 65 3.23 6.86 9.69
N ALA B 66 4.16 7.76 9.99
CA ALA B 66 3.92 8.71 11.06
C ALA B 66 4.35 10.11 10.64
N MET B 67 3.61 11.10 11.13
CA MET B 67 4.01 12.49 11.09
C MET B 67 3.68 13.12 12.43
N HIS B 68 4.39 14.18 12.77
CA HIS B 68 4.09 14.91 14.01
C HIS B 68 4.40 16.38 13.81
N TRP B 69 3.38 17.22 13.98
CA TRP B 69 3.54 18.66 13.86
C TRP B 69 4.39 19.19 15.02
N GLY B 70 5.10 20.28 14.77
CA GLY B 70 5.87 20.94 15.80
C GLY B 70 5.03 21.84 16.67
N THR B 71 5.65 22.35 17.73
CA THR B 71 4.96 23.28 18.63
C THR B 71 4.61 24.57 17.92
N ASP B 72 5.49 25.05 17.04
CA ASP B 72 5.25 26.28 16.30
C ASP B 72 4.18 26.14 15.22
N SER B 73 3.69 24.92 14.98
CA SER B 73 2.65 24.64 14.00
C SER B 73 3.09 24.97 12.58
N ARG B 74 4.39 25.08 12.36
CA ARG B 74 4.96 25.37 11.04
C ARG B 74 5.80 24.23 10.49
N LEU B 75 6.68 23.66 11.31
CA LEU B 75 7.55 22.56 10.91
C LEU B 75 6.97 21.23 11.37
N LEU B 76 7.22 20.18 10.59
CA LEU B 76 6.74 18.85 10.91
C LEU B 76 7.78 17.82 10.49
N VAL B 77 7.68 16.65 11.09
CA VAL B 77 8.58 15.52 10.82
C VAL B 77 7.75 14.39 10.22
N SER B 78 8.29 13.73 9.21
CA SER B 78 7.63 12.64 8.52
C SER B 78 8.59 11.47 8.37
N ALA B 79 8.13 10.27 8.71
CA ALA B 79 8.96 9.07 8.66
C ALA B 79 8.41 8.12 7.60
N SER B 80 9.25 7.75 6.65
CA SER B 80 8.88 6.83 5.58
C SER B 80 9.71 5.56 5.68
N GLN B 81 9.20 4.48 5.07
CA GLN B 81 9.83 3.18 5.18
C GLN B 81 11.11 3.05 4.34
N ASP B 82 11.45 4.04 3.52
CA ASP B 82 12.76 4.03 2.88
C ASP B 82 13.87 4.12 3.91
N GLY B 83 13.62 4.80 5.03
CA GLY B 83 14.63 5.07 6.02
C GLY B 83 14.93 6.53 6.22
N LYS B 84 13.99 7.43 5.92
CA LYS B 84 14.19 8.86 6.01
C LYS B 84 13.23 9.45 7.03
N LEU B 85 13.67 10.53 7.66
CA LEU B 85 12.93 11.25 8.70
C LEU B 85 12.79 12.71 8.30
N ILE B 86 12.35 12.93 7.06
CA ILE B 86 12.41 14.25 6.46
C ILE B 86 11.62 15.26 7.29
N ILE B 87 12.28 16.34 7.66
CA ILE B 87 11.66 17.43 8.41
C ILE B 87 11.41 18.57 7.42
N TRP B 88 10.15 18.98 7.31
CA TRP B 88 9.76 19.97 6.32
C TRP B 88 9.45 21.31 6.98
N ASP B 89 9.43 22.35 6.15
CA ASP B 89 8.86 23.64 6.51
C ASP B 89 7.60 23.79 5.67
N SER B 90 6.44 23.67 6.32
CA SER B 90 5.18 23.57 5.59
C SER B 90 4.88 24.82 4.78
N TYR B 91 5.15 26.00 5.33
CA TYR B 91 4.87 27.24 4.61
C TYR B 91 5.69 27.34 3.33
N THR B 92 6.97 27.00 3.41
CA THR B 92 7.86 27.15 2.28
C THR B 92 7.86 25.94 1.35
N THR B 93 7.21 24.85 1.75
CA THR B 93 7.25 23.58 1.03
C THR B 93 8.70 23.14 0.83
N ASN B 94 9.50 23.27 1.88
CA ASN B 94 10.93 23.04 1.82
C ASN B 94 11.32 21.99 2.86
N LYS B 95 12.33 21.19 2.52
CA LYS B 95 12.83 20.15 3.42
C LYS B 95 14.06 20.69 4.13
N VAL B 96 13.89 21.12 5.38
CA VAL B 96 15.02 21.64 6.14
C VAL B 96 15.98 20.55 6.57
N HIS B 97 15.53 19.30 6.61
CA HIS B 97 16.38 18.19 7.00
C HIS B 97 15.86 16.91 6.38
N ALA B 98 16.77 15.98 6.09
CA ALA B 98 16.43 14.65 5.59
C ALA B 98 17.35 13.68 6.32
N ILE B 99 16.83 13.03 7.36
CA ILE B 99 17.64 12.27 8.30
C ILE B 99 17.70 10.83 7.81
N PRO B 100 18.87 10.32 7.43
CA PRO B 100 18.97 8.91 7.04
C PRO B 100 18.99 7.97 8.22
N LEU B 101 17.93 7.17 8.37
CA LEU B 101 17.84 6.25 9.48
C LEU B 101 18.77 5.05 9.27
N ARG B 102 18.79 4.16 10.25
CA ARG B 102 19.55 2.91 10.15
C ARG B 102 18.67 1.79 9.61
N SER B 103 17.58 1.49 10.31
CA SER B 103 16.62 0.48 9.89
C SER B 103 15.50 1.17 9.12
N SER B 104 15.31 0.76 7.87
CA SER B 104 14.34 1.43 7.01
C SER B 104 12.91 1.28 7.51
N TRP B 105 12.62 0.23 8.29
CA TRP B 105 11.26 -0.06 8.73
C TRP B 105 10.97 0.75 9.98
N VAL B 106 10.54 1.98 9.77
CA VAL B 106 10.20 2.92 10.84
C VAL B 106 8.68 3.03 10.91
N MET B 107 8.15 2.99 12.12
CA MET B 107 6.72 3.05 12.35
C MET B 107 6.26 4.30 13.07
N THR B 108 7.18 5.12 13.59
CA THR B 108 6.79 6.26 14.40
C THR B 108 7.83 7.37 14.26
N CYS B 109 7.39 8.58 14.58
CA CYS B 109 8.25 9.75 14.63
C CYS B 109 7.59 10.79 15.53
N ALA B 110 8.42 11.50 16.29
CA ALA B 110 7.92 12.47 17.25
C ALA B 110 8.76 13.73 17.17
N TYR B 111 8.10 14.88 17.18
CA TYR B 111 8.77 16.16 17.21
C TYR B 111 8.65 16.73 18.62
N ALA B 112 9.79 17.03 19.24
CA ALA B 112 9.81 17.45 20.63
C ALA B 112 9.11 18.80 20.78
N PRO B 113 8.50 19.04 21.95
CA PRO B 113 7.85 20.34 22.16
C PRO B 113 8.79 21.52 22.01
N SER B 114 10.04 21.38 22.46
CA SER B 114 11.01 22.45 22.28
C SER B 114 11.45 22.56 20.83
N GLY B 115 11.57 21.42 20.16
CA GLY B 115 12.08 21.37 18.80
C GLY B 115 13.54 20.99 18.69
N ASN B 116 14.25 20.85 19.81
CA ASN B 116 15.67 20.50 19.76
C ASN B 116 15.87 19.07 19.29
N TYR B 117 14.91 18.19 19.57
CA TYR B 117 15.09 16.76 19.36
C TYR B 117 13.96 16.20 18.52
N VAL B 118 14.26 15.10 17.82
CA VAL B 118 13.28 14.35 17.04
C VAL B 118 13.50 12.86 17.31
N ALA B 119 12.40 12.13 17.43
CA ALA B 119 12.43 10.70 17.72
C ALA B 119 11.91 9.91 16.53
N CYS B 120 12.26 8.62 16.53
CA CYS B 120 11.78 7.67 15.53
C CYS B 120 12.09 6.27 16.04
N GLY B 121 11.27 5.31 15.62
CA GLY B 121 11.44 3.93 16.05
C GLY B 121 11.16 2.92 14.96
N GLY B 122 10.34 1.92 15.27
CA GLY B 122 9.92 0.96 14.27
C GLY B 122 10.21 -0.48 14.62
N LEU B 123 10.49 -1.29 13.62
CA LEU B 123 10.69 -2.72 13.78
C LEU B 123 11.98 -3.07 14.51
N ASP B 124 12.87 -2.11 14.73
CA ASP B 124 14.16 -2.38 15.34
C ASP B 124 14.10 -2.46 16.86
N ASN B 125 12.92 -2.27 17.45
CA ASN B 125 12.74 -2.27 18.91
C ASN B 125 13.53 -1.16 19.59
N ILE B 126 13.85 -0.09 18.87
CA ILE B 126 14.73 0.96 19.35
C ILE B 126 14.10 2.32 19.06
N CYS B 127 14.12 3.21 20.05
CA CYS B 127 13.69 4.59 19.88
C CYS B 127 14.92 5.45 19.75
N SER B 128 15.16 5.96 18.55
CA SER B 128 16.34 6.78 18.27
C SER B 128 15.98 8.25 18.34
N ILE B 129 16.78 9.00 19.09
CA ILE B 129 16.57 10.44 19.29
C ILE B 129 17.64 11.19 18.52
N TYR B 130 17.21 12.14 17.69
CA TYR B 130 18.12 12.95 16.87
C TYR B 130 18.04 14.39 17.34
N ASN B 131 19.20 14.98 17.62
CA ASN B 131 19.28 16.40 17.94
C ASN B 131 19.37 17.21 16.65
N LEU B 132 18.59 18.28 16.58
CA LEU B 132 18.62 19.13 15.39
C LEU B 132 19.55 20.32 15.57
N LYS B 133 19.36 21.07 16.64
CA LYS B 133 20.12 22.31 16.87
C LYS B 133 21.42 21.98 17.60
N THR B 134 22.23 21.15 16.95
CA THR B 134 23.56 20.82 17.43
C THR B 134 24.53 21.90 17.00
N ARG B 135 25.74 21.84 17.58
CA ARG B 135 26.72 22.91 17.38
C ARG B 135 27.05 23.12 15.91
N GLU B 136 27.40 22.05 15.20
CA GLU B 136 27.69 22.17 13.78
C GLU B 136 26.43 22.40 12.97
N GLY B 137 25.35 21.69 13.30
CA GLY B 137 24.11 21.76 12.55
C GLY B 137 23.75 20.47 11.83
N ASN B 138 24.59 19.45 11.84
CA ASN B 138 24.31 18.18 11.18
C ASN B 138 23.58 17.26 12.15
N VAL B 139 22.44 16.72 11.71
CA VAL B 139 21.64 15.84 12.57
C VAL B 139 22.41 14.56 12.84
N ARG B 140 22.40 14.13 14.10
CA ARG B 140 23.10 12.93 14.52
C ARG B 140 22.23 12.16 15.51
N VAL B 141 22.56 10.88 15.69
CA VAL B 141 21.85 10.04 16.65
C VAL B 141 22.29 10.46 18.05
N SER B 142 21.43 11.22 18.74
CA SER B 142 21.77 11.66 20.09
C SER B 142 21.79 10.50 21.08
N ARG B 143 20.76 9.65 21.03
CA ARG B 143 20.67 8.53 21.94
C ARG B 143 20.00 7.35 21.24
N GLU B 144 20.29 6.15 21.75
CA GLU B 144 19.72 4.90 21.24
C GLU B 144 19.05 4.20 22.40
N LEU B 145 17.72 4.27 22.45
CA LEU B 145 16.93 3.76 23.58
C LEU B 145 16.57 2.30 23.30
N ALA B 146 17.13 1.39 24.09
CA ALA B 146 16.87 -0.02 23.96
C ALA B 146 16.23 -0.57 25.23
N GLY B 147 15.44 -1.63 25.07
CA GLY B 147 14.73 -2.22 26.19
C GLY B 147 13.37 -2.77 25.83
N HIS B 148 12.82 -2.35 24.70
CA HIS B 148 11.57 -2.92 24.20
C HIS B 148 11.87 -4.23 23.47
N THR B 149 11.05 -5.24 23.75
CA THR B 149 11.23 -6.54 23.12
C THR B 149 10.50 -6.64 21.79
N GLY B 150 9.28 -6.10 21.73
CA GLY B 150 8.55 -6.04 20.49
C GLY B 150 8.93 -4.83 19.66
N TYR B 151 8.28 -4.71 18.51
CA TYR B 151 8.53 -3.57 17.64
C TYR B 151 8.08 -2.29 18.33
N LEU B 152 8.37 -1.15 17.69
CA LEU B 152 8.08 0.14 18.27
C LEU B 152 6.99 0.82 17.45
N SER B 153 6.00 1.39 18.13
CA SER B 153 4.78 1.83 17.48
C SER B 153 4.53 3.33 17.56
N CYS B 154 4.72 3.94 18.73
CA CYS B 154 4.42 5.37 18.88
C CYS B 154 5.35 5.98 19.91
N CYS B 155 6.07 7.02 19.50
CA CYS B 155 6.93 7.80 20.40
C CYS B 155 6.33 9.19 20.56
N ARG B 156 6.39 9.70 21.79
CA ARG B 156 5.84 11.03 22.08
C ARG B 156 6.70 11.68 23.15
N PHE B 157 7.35 12.79 22.81
CA PHE B 157 8.18 13.52 23.76
C PHE B 157 7.32 14.13 24.85
N LEU B 158 7.53 13.70 26.10
CA LEU B 158 6.91 14.41 27.21
C LEU B 158 7.62 15.73 27.47
N ASP B 159 8.94 15.74 27.35
CA ASP B 159 9.74 16.96 27.36
C ASP B 159 11.07 16.62 26.69
N ASP B 160 12.06 17.50 26.85
CA ASP B 160 13.35 17.28 26.21
C ASP B 160 14.09 16.09 26.81
N ASN B 161 13.84 15.78 28.08
CA ASN B 161 14.56 14.71 28.76
C ASN B 161 13.82 13.37 28.73
N GLN B 162 12.49 13.38 28.75
CA GLN B 162 11.71 12.15 28.82
C GLN B 162 10.96 11.93 27.51
N ILE B 163 10.50 10.69 27.34
CA ILE B 163 9.69 10.33 26.18
C ILE B 163 8.89 9.08 26.54
N VAL B 164 7.61 9.10 26.19
CA VAL B 164 6.72 7.96 26.36
C VAL B 164 6.67 7.19 25.06
N THR B 165 6.86 5.87 25.14
CA THR B 165 7.03 5.07 23.93
C THR B 165 6.24 3.78 24.05
N SER B 166 5.39 3.51 23.06
CA SER B 166 4.60 2.30 22.99
C SER B 166 5.28 1.30 22.06
N SER B 167 5.07 0.01 22.34
CA SER B 167 5.77 -1.04 21.61
C SER B 167 4.81 -2.20 21.31
N GLY B 168 5.35 -3.22 20.64
CA GLY B 168 4.57 -4.41 20.32
C GLY B 168 4.71 -5.48 21.38
N ASP B 169 5.23 -5.09 22.55
CA ASP B 169 5.41 -6.01 23.66
C ASP B 169 4.32 -5.86 24.72
N THR B 170 3.23 -5.18 24.38
CA THR B 170 2.11 -4.91 25.28
C THR B 170 2.50 -4.05 26.47
N THR B 171 3.67 -3.40 26.42
CA THR B 171 4.15 -2.56 27.50
C THR B 171 4.57 -1.20 26.96
N CYS B 172 4.21 -0.15 27.69
CA CYS B 172 4.72 1.19 27.45
C CYS B 172 5.84 1.51 28.44
N ALA B 173 6.68 2.46 28.07
CA ALA B 173 7.86 2.76 28.87
C ALA B 173 8.10 4.26 28.88
N LEU B 174 8.25 4.82 30.08
CA LEU B 174 8.68 6.21 30.24
C LEU B 174 10.19 6.24 30.32
N TRP B 175 10.84 6.88 29.35
CA TRP B 175 12.28 6.80 29.19
C TRP B 175 12.97 8.01 29.79
N ASP B 176 14.29 7.93 29.86
CA ASP B 176 15.17 8.99 30.35
C ASP B 176 16.28 9.16 29.31
N ILE B 177 16.11 10.11 28.40
CA ILE B 177 17.05 10.29 27.30
C ILE B 177 18.43 10.64 27.82
N GLU B 178 18.51 11.30 28.98
CA GLU B 178 19.80 11.69 29.53
C GLU B 178 20.66 10.46 29.84
N THR B 179 20.05 9.40 30.38
CA THR B 179 20.79 8.21 30.76
C THR B 179 20.42 6.96 29.95
N GLY B 180 19.32 6.99 29.21
CA GLY B 180 18.93 5.86 28.39
C GLY B 180 18.19 4.75 29.11
N GLN B 181 17.57 5.03 30.24
CA GLN B 181 16.92 4.02 31.06
C GLN B 181 15.43 4.29 31.18
N GLN B 182 14.66 3.21 31.35
CA GLN B 182 13.24 3.32 31.60
C GLN B 182 13.00 3.76 33.04
N THR B 183 12.40 4.94 33.22
CA THR B 183 12.10 5.42 34.56
C THR B 183 10.97 4.60 35.18
N THR B 184 9.90 4.37 34.42
CA THR B 184 8.77 3.58 34.88
C THR B 184 8.10 2.95 33.67
N THR B 185 7.71 1.69 33.81
CA THR B 185 7.11 0.92 32.72
C THR B 185 5.62 0.73 32.97
N PHE B 186 4.86 0.67 31.88
CA PHE B 186 3.41 0.57 31.92
C PHE B 186 3.02 -0.78 31.31
N THR B 187 2.89 -1.79 32.16
CA THR B 187 2.60 -3.16 31.74
C THR B 187 1.25 -3.56 32.30
N GLY B 188 0.20 -3.32 31.53
CA GLY B 188 -1.13 -3.73 31.93
C GLY B 188 -1.99 -4.21 30.78
N HIS B 189 -1.42 -4.27 29.58
CA HIS B 189 -2.17 -4.58 28.38
C HIS B 189 -2.12 -6.07 28.07
N THR B 190 -2.87 -6.46 27.04
CA THR B 190 -2.89 -7.83 26.54
C THR B 190 -2.38 -7.95 25.11
N GLY B 191 -2.70 -6.99 24.24
CA GLY B 191 -2.23 -6.99 22.88
C GLY B 191 -1.22 -5.88 22.62
N ASP B 192 -0.79 -5.80 21.37
CA ASP B 192 0.24 -4.85 20.98
C ASP B 192 -0.31 -3.43 21.02
N VAL B 193 0.30 -2.57 21.84
CA VAL B 193 -0.11 -1.17 21.91
C VAL B 193 0.46 -0.42 20.72
N MET B 194 -0.39 0.33 20.03
CA MET B 194 -0.04 0.95 18.76
C MET B 194 0.13 2.47 18.88
N SER B 195 -0.88 3.15 19.39
CA SER B 195 -0.86 4.61 19.49
C SER B 195 -1.01 5.05 20.94
N LEU B 196 -0.36 6.15 21.28
CA LEU B 196 -0.52 6.78 22.59
C LEU B 196 -0.62 8.30 22.41
N SER B 197 -1.40 8.92 23.29
CA SER B 197 -1.59 10.36 23.25
C SER B 197 -1.40 10.95 24.65
N LEU B 198 -0.59 12.00 24.75
CA LEU B 198 -0.32 12.63 26.03
C LEU B 198 -1.37 13.70 26.34
N ALA B 199 -1.47 14.03 27.62
CA ALA B 199 -2.43 15.01 28.11
C ALA B 199 -1.91 16.42 27.99
N PRO B 200 -2.80 17.41 27.92
CA PRO B 200 -2.36 18.81 27.95
C PRO B 200 -1.59 19.18 29.21
N ASP B 201 -1.84 18.51 30.33
CA ASP B 201 -1.05 18.71 31.55
C ASP B 201 0.14 17.77 31.62
N THR B 202 0.34 16.92 30.61
CA THR B 202 1.48 16.01 30.53
C THR B 202 1.63 15.19 31.80
N ARG B 203 0.53 14.61 32.26
CA ARG B 203 0.53 13.80 33.48
C ARG B 203 -0.19 12.48 33.33
N LEU B 204 -1.13 12.34 32.40
CA LEU B 204 -1.86 11.08 32.22
C LEU B 204 -2.01 10.83 30.73
N PHE B 205 -1.39 9.77 30.23
CA PHE B 205 -1.53 9.38 28.85
C PHE B 205 -2.31 8.08 28.73
N VAL B 206 -2.69 7.74 27.50
CA VAL B 206 -3.39 6.51 27.20
C VAL B 206 -2.55 5.65 26.26
N SER B 207 -2.86 4.36 26.25
CA SER B 207 -2.16 3.38 25.42
C SER B 207 -3.20 2.54 24.71
N GLY B 208 -3.29 2.70 23.39
CA GLY B 208 -4.23 1.94 22.59
C GLY B 208 -3.64 0.67 22.03
N ALA B 209 -4.15 -0.49 22.46
CA ALA B 209 -3.54 -1.76 22.14
C ALA B 209 -4.48 -2.62 21.30
N CYS B 210 -4.03 -3.84 21.01
CA CYS B 210 -4.75 -4.76 20.16
C CYS B 210 -5.72 -5.66 20.90
N ASP B 211 -6.06 -5.32 22.15
CA ASP B 211 -7.03 -6.08 22.93
C ASP B 211 -8.37 -5.36 23.03
N ALA B 212 -8.64 -4.47 22.07
CA ALA B 212 -9.87 -3.68 22.02
C ALA B 212 -10.07 -2.86 23.29
N SER B 213 -8.97 -2.43 23.90
CA SER B 213 -9.05 -1.66 25.14
C SER B 213 -7.94 -0.64 25.17
N ALA B 214 -8.28 0.60 25.52
CA ALA B 214 -7.32 1.65 25.77
C ALA B 214 -7.30 1.96 27.26
N LYS B 215 -6.11 2.06 27.83
CA LYS B 215 -5.95 2.24 29.27
C LYS B 215 -5.29 3.57 29.56
N LEU B 216 -5.76 4.22 30.62
CA LEU B 216 -5.24 5.51 31.06
C LEU B 216 -4.20 5.27 32.15
N TRP B 217 -3.03 5.87 31.99
CA TRP B 217 -1.90 5.64 32.87
C TRP B 217 -1.51 6.92 33.59
N ASP B 218 -0.84 6.76 34.73
CA ASP B 218 -0.25 7.88 35.45
C ASP B 218 1.23 7.96 35.07
N VAL B 219 1.66 9.13 34.60
CA VAL B 219 3.06 9.31 34.22
C VAL B 219 3.97 9.16 35.43
N ARG B 220 3.60 9.76 36.56
CA ARG B 220 4.43 9.73 37.75
C ARG B 220 4.22 8.44 38.56
N GLU B 221 2.97 8.10 38.85
CA GLU B 221 2.69 6.92 39.65
C GLU B 221 3.11 5.64 38.92
N GLY B 222 2.79 5.55 37.63
CA GLY B 222 3.19 4.42 36.82
C GLY B 222 2.19 3.29 36.75
N MET B 223 0.98 3.48 37.25
CA MET B 223 -0.04 2.44 37.32
C MET B 223 -1.33 2.91 36.66
N CYS B 224 -2.00 1.99 35.98
CA CYS B 224 -3.21 2.33 35.26
C CYS B 224 -4.33 2.71 36.21
N ARG B 225 -5.07 3.77 35.86
CA ARG B 225 -6.19 4.23 36.66
C ARG B 225 -7.53 3.66 36.20
N GLN B 226 -7.82 3.73 34.91
CA GLN B 226 -9.11 3.26 34.42
C GLN B 226 -8.95 2.72 33.01
N THR B 227 -9.48 1.51 32.78
CA THR B 227 -9.48 0.91 31.45
C THR B 227 -10.72 1.35 30.68
N PHE B 228 -10.59 1.36 29.36
CA PHE B 228 -11.67 1.81 28.48
C PHE B 228 -11.86 0.76 27.39
N THR B 229 -12.97 0.05 27.44
CA THR B 229 -13.25 -1.06 26.54
C THR B 229 -14.62 -0.82 25.90
N GLY B 230 -14.84 -1.46 24.76
CA GLY B 230 -16.07 -1.26 24.00
C GLY B 230 -15.85 -1.38 22.51
N HIS B 231 -14.59 -1.30 22.08
CA HIS B 231 -14.27 -1.52 20.69
C HIS B 231 -14.37 -3.00 20.34
N GLU B 232 -14.51 -3.28 19.05
CA GLU B 232 -14.67 -4.64 18.57
C GLU B 232 -13.41 -5.24 18.01
N SER B 233 -12.36 -4.44 17.80
CA SER B 233 -11.13 -4.94 17.21
C SER B 233 -9.97 -4.08 17.71
N ASP B 234 -8.79 -4.34 17.17
CA ASP B 234 -7.58 -3.66 17.62
C ASP B 234 -7.57 -2.18 17.24
N ILE B 235 -7.22 -1.33 18.20
CA ILE B 235 -7.20 0.11 18.01
C ILE B 235 -5.76 0.53 17.75
N ASN B 236 -5.55 1.28 16.67
CA ASN B 236 -4.23 1.72 16.26
C ASN B 236 -4.15 3.24 16.10
N ALA B 237 -5.03 3.96 16.79
CA ALA B 237 -5.07 5.42 16.72
C ALA B 237 -5.82 5.93 17.94
N ILE B 238 -5.27 6.95 18.60
CA ILE B 238 -5.88 7.47 19.81
C ILE B 238 -5.37 8.89 20.04
N CYS B 239 -6.25 9.76 20.54
CA CYS B 239 -5.92 11.17 20.75
C CYS B 239 -6.86 11.78 21.75
N PHE B 240 -6.32 12.52 22.72
CA PHE B 240 -7.15 13.22 23.69
C PHE B 240 -7.99 14.33 23.07
N PHE B 241 -9.16 14.52 23.66
CA PHE B 241 -9.92 15.74 23.49
C PHE B 241 -9.08 16.91 24.02
N PRO B 242 -9.16 18.09 23.40
CA PRO B 242 -8.22 19.17 23.72
C PRO B 242 -8.09 19.55 25.19
N ASN B 243 -9.02 19.13 26.05
CA ASN B 243 -8.87 19.43 27.47
C ASN B 243 -8.10 18.35 28.22
N GLY B 244 -8.18 17.10 27.76
CA GLY B 244 -7.56 16.00 28.45
C GLY B 244 -8.50 15.15 29.29
N ASN B 245 -9.81 15.42 29.24
CA ASN B 245 -10.80 14.65 29.99
C ASN B 245 -11.58 13.72 29.09
N ALA B 246 -11.16 13.56 27.84
CA ALA B 246 -11.79 12.63 26.91
C ALA B 246 -10.79 12.32 25.82
N PHE B 247 -11.06 11.23 25.09
CA PHE B 247 -10.22 10.85 23.97
C PHE B 247 -11.05 10.04 22.98
N ALA B 248 -10.44 9.73 21.85
CA ALA B 248 -11.09 8.94 20.81
C ALA B 248 -10.14 7.84 20.36
N THR B 249 -10.71 6.70 19.97
CA THR B 249 -9.96 5.55 19.51
C THR B 249 -10.48 5.10 18.15
N GLY B 250 -9.57 4.85 17.22
CA GLY B 250 -9.94 4.33 15.91
C GLY B 250 -9.40 2.93 15.69
N SER B 251 -10.26 2.00 15.34
CA SER B 251 -9.89 0.59 15.24
C SER B 251 -10.17 0.06 13.84
N ASP B 252 -9.98 -1.24 13.68
CA ASP B 252 -10.20 -1.92 12.41
C ASP B 252 -11.65 -2.33 12.19
N ASP B 253 -12.54 -2.06 13.16
CA ASP B 253 -13.95 -2.35 13.01
C ASP B 253 -14.72 -1.20 12.37
N ALA B 254 -14.01 -0.28 11.71
CA ALA B 254 -14.62 0.84 11.00
C ALA B 254 -15.51 1.67 11.91
N THR B 255 -14.97 2.02 13.08
CA THR B 255 -15.69 2.89 14.00
C THR B 255 -14.68 3.69 14.81
N CYS B 256 -15.14 4.85 15.28
CA CYS B 256 -14.39 5.68 16.21
C CYS B 256 -15.26 5.93 17.44
N ARG B 257 -14.69 5.71 18.62
CA ARG B 257 -15.43 5.90 19.86
C ARG B 257 -14.92 7.14 20.59
N LEU B 258 -15.74 7.64 21.50
CA LEU B 258 -15.38 8.80 22.33
C LEU B 258 -15.52 8.38 23.78
N PHE B 259 -14.41 8.20 24.46
CA PHE B 259 -14.40 7.79 25.85
C PHE B 259 -14.17 8.97 26.76
N ASP B 260 -14.92 9.02 27.85
CA ASP B 260 -14.90 10.14 28.77
C ASP B 260 -14.26 9.69 30.08
N LEU B 261 -13.11 10.29 30.42
CA LEU B 261 -12.40 9.93 31.62
C LEU B 261 -13.21 10.23 32.88
N ARG B 262 -13.99 11.31 32.87
CA ARG B 262 -14.79 11.68 34.03
C ARG B 262 -15.90 10.67 34.29
N ALA B 263 -16.58 10.22 33.24
CA ALA B 263 -17.68 9.26 33.38
C ALA B 263 -17.21 7.81 33.29
N ASP B 264 -15.99 7.58 32.82
CA ASP B 264 -15.38 6.25 32.75
C ASP B 264 -16.21 5.28 31.92
N GLN B 265 -16.76 5.77 30.81
CA GLN B 265 -17.31 4.90 29.79
C GLN B 265 -17.43 5.64 28.47
N GLU B 266 -17.82 4.89 27.45
CA GLU B 266 -17.99 5.41 26.10
C GLU B 266 -19.14 6.43 26.04
N LEU B 267 -18.95 7.44 25.19
CA LEU B 267 -19.96 8.47 24.97
C LEU B 267 -20.74 8.27 23.69
N MET B 268 -20.07 8.06 22.55
CA MET B 268 -20.76 8.01 21.27
C MET B 268 -19.92 7.22 20.27
N THR B 269 -20.61 6.53 19.36
CA THR B 269 -19.99 5.82 18.26
C THR B 269 -19.93 6.72 17.03
N TYR B 270 -18.83 6.64 16.30
CA TYR B 270 -18.64 7.37 15.05
C TYR B 270 -18.40 6.33 13.96
N SER B 271 -19.50 5.83 13.39
CA SER B 271 -19.41 4.78 12.38
C SER B 271 -20.63 4.83 11.47
N HIS B 272 -20.40 4.78 10.17
CA HIS B 272 -21.46 4.64 9.19
C HIS B 272 -21.50 3.21 8.65
N ASP B 273 -22.58 2.89 7.94
CA ASP B 273 -22.71 1.55 7.38
C ASP B 273 -21.79 1.34 6.18
N ASN B 274 -21.68 2.36 5.31
CA ASN B 274 -20.91 2.22 4.08
C ASN B 274 -19.40 2.28 4.29
N ILE B 275 -18.94 2.61 5.48
CA ILE B 275 -17.52 2.55 5.80
C ILE B 275 -17.23 1.20 6.45
N ILE B 276 -16.39 0.40 5.81
CA ILE B 276 -16.07 -0.95 6.30
C ILE B 276 -14.56 -1.12 6.37
N CYS B 277 -13.84 0.00 6.39
CA CYS B 277 -12.40 0.00 6.49
C CYS B 277 -11.96 0.57 7.84
N GLY B 278 -10.83 0.06 8.32
CA GLY B 278 -10.36 0.42 9.65
C GLY B 278 -9.74 1.80 9.68
N ILE B 279 -9.97 2.50 10.79
CA ILE B 279 -9.35 3.81 10.99
C ILE B 279 -7.87 3.61 11.32
N THR B 280 -7.03 4.48 10.77
CA THR B 280 -5.59 4.39 10.98
C THR B 280 -5.03 5.50 11.86
N SER B 281 -5.59 6.70 11.79
CA SER B 281 -5.07 7.82 12.56
C SER B 281 -6.22 8.76 12.89
N VAL B 282 -6.24 9.25 14.13
CA VAL B 282 -7.27 10.15 14.60
C VAL B 282 -6.63 11.41 15.16
N SER B 283 -7.38 12.50 15.11
CA SER B 283 -6.94 13.78 15.66
C SER B 283 -8.14 14.71 15.75
N PHE B 284 -8.12 15.59 16.73
CA PHE B 284 -9.17 16.57 16.95
C PHE B 284 -8.75 17.94 16.43
N SER B 285 -9.74 18.79 16.20
CA SER B 285 -9.48 20.19 15.94
C SER B 285 -9.23 20.92 17.25
N LYS B 286 -8.87 22.20 17.14
CA LYS B 286 -8.52 22.97 18.33
C LYS B 286 -9.71 23.18 19.27
N SER B 287 -10.93 22.95 18.81
CA SER B 287 -12.11 23.01 19.66
C SER B 287 -12.70 21.65 19.99
N GLY B 288 -12.23 20.58 19.37
CA GLY B 288 -12.76 19.26 19.64
C GLY B 288 -14.06 18.93 18.93
N ARG B 289 -14.36 19.60 17.82
CA ARG B 289 -15.56 19.33 17.06
C ARG B 289 -15.31 18.55 15.79
N LEU B 290 -14.10 18.63 15.24
CA LEU B 290 -13.71 17.93 14.01
C LEU B 290 -12.78 16.78 14.39
N LEU B 291 -13.37 15.62 14.66
CA LEU B 291 -12.59 14.41 14.90
C LEU B 291 -12.26 13.81 13.54
N LEU B 292 -11.10 14.19 13.01
CA LEU B 292 -10.65 13.61 11.76
C LEU B 292 -10.16 12.19 11.99
N ALA B 293 -10.53 11.28 11.10
CA ALA B 293 -10.16 9.88 11.20
C ALA B 293 -9.70 9.40 9.83
N GLY B 294 -8.49 8.85 9.76
CA GLY B 294 -7.96 8.33 8.52
C GLY B 294 -8.24 6.85 8.40
N TYR B 295 -8.89 6.47 7.29
CA TYR B 295 -9.34 5.11 7.08
C TYR B 295 -8.46 4.42 6.05
N ASP B 296 -8.54 3.08 6.02
CA ASP B 296 -7.75 2.32 5.06
C ASP B 296 -8.20 2.52 3.62
N ASP B 297 -9.41 3.04 3.39
CA ASP B 297 -9.89 3.19 2.02
C ASP B 297 -9.33 4.44 1.37
N PHE B 298 -8.02 4.63 1.47
CA PHE B 298 -7.26 5.60 0.70
C PHE B 298 -7.72 7.05 0.93
N ASN B 299 -8.57 7.30 1.91
CA ASN B 299 -9.03 8.66 2.15
C ASN B 299 -9.41 8.85 3.61
N CYS B 300 -9.43 10.11 4.04
CA CYS B 300 -9.75 10.47 5.41
C CYS B 300 -11.23 10.79 5.55
N ASN B 301 -11.64 11.13 6.77
CA ASN B 301 -13.02 11.51 7.06
C ASN B 301 -13.04 12.53 8.17
N VAL B 302 -14.12 13.31 8.22
CA VAL B 302 -14.31 14.36 9.22
C VAL B 302 -15.65 14.16 9.90
N TRP B 303 -15.65 14.22 11.22
CA TRP B 303 -16.84 13.94 12.01
C TRP B 303 -17.17 15.12 12.90
N ASP B 304 -18.41 15.15 13.36
CA ASP B 304 -18.92 16.14 14.29
C ASP B 304 -18.99 15.40 15.63
N ALA B 305 -18.09 15.74 16.54
CA ALA B 305 -17.91 14.98 17.78
C ALA B 305 -19.15 14.98 18.65
N LEU B 306 -20.07 15.92 18.45
CA LEU B 306 -21.25 16.01 19.29
C LEU B 306 -22.50 15.39 18.66
N LYS B 307 -22.47 15.08 17.37
CA LYS B 307 -23.61 14.48 16.70
C LYS B 307 -23.30 13.19 15.95
N ALA B 308 -22.02 12.85 15.75
CA ALA B 308 -21.58 11.66 15.02
C ALA B 308 -21.92 11.75 13.54
N ASP B 309 -22.49 12.88 13.11
CA ASP B 309 -22.82 13.04 11.70
C ASP B 309 -21.58 13.45 10.92
N ARG B 310 -21.22 12.65 9.93
CA ARG B 310 -20.02 12.92 9.15
C ARG B 310 -20.23 14.14 8.28
N ALA B 311 -19.31 15.10 8.38
CA ALA B 311 -19.38 16.36 7.64
C ALA B 311 -18.00 16.63 7.03
N GLY B 312 -17.80 16.13 5.83
CA GLY B 312 -16.55 16.37 5.15
C GLY B 312 -15.74 15.09 4.97
N VAL B 313 -15.09 15.00 3.81
CA VAL B 313 -14.28 13.84 3.46
C VAL B 313 -13.00 14.37 2.81
N LEU B 314 -11.85 14.05 3.42
CA LEU B 314 -10.56 14.53 2.92
C LEU B 314 -9.93 13.52 1.98
N ALA B 315 -10.63 13.26 0.87
CA ALA B 315 -10.14 12.35 -0.14
C ALA B 315 -9.01 13.01 -0.94
N GLY B 316 -8.22 12.17 -1.61
CA GLY B 316 -7.13 12.67 -2.42
C GLY B 316 -5.87 11.84 -2.37
N HIS B 317 -5.87 10.77 -1.58
CA HIS B 317 -4.73 9.89 -1.48
C HIS B 317 -4.96 8.62 -2.29
N ASP B 318 -3.91 8.20 -3.00
CA ASP B 318 -3.98 7.02 -3.86
C ASP B 318 -3.68 5.73 -3.11
N ASN B 319 -3.22 5.80 -1.86
CA ASN B 319 -2.94 4.63 -1.06
C ASN B 319 -3.43 4.88 0.35
N ARG B 320 -3.18 3.91 1.24
CA ARG B 320 -3.68 3.98 2.61
C ARG B 320 -3.11 5.18 3.34
N VAL B 321 -3.98 5.92 4.02
CA VAL B 321 -3.54 6.99 4.90
C VAL B 321 -3.20 6.37 6.25
N SER B 322 -2.10 6.84 6.85
CA SER B 322 -1.56 6.21 8.06
C SER B 322 -1.26 7.16 9.19
N CYS B 323 -1.11 8.46 8.92
CA CYS B 323 -0.81 9.43 9.96
C CYS B 323 -1.65 10.68 9.74
N LEU B 324 -1.92 11.37 10.84
CA LEU B 324 -2.86 12.49 10.84
C LEU B 324 -2.57 13.38 12.03
N GLY B 325 -2.18 14.62 11.78
CA GLY B 325 -1.89 15.55 12.85
C GLY B 325 -2.42 16.95 12.59
N VAL B 326 -2.94 17.58 13.63
CA VAL B 326 -3.50 18.93 13.53
C VAL B 326 -2.55 19.89 14.23
N THR B 327 -2.29 21.04 13.60
CA THR B 327 -1.40 22.03 14.16
C THR B 327 -1.92 22.50 15.51
N ASP B 328 -0.99 22.88 16.40
CA ASP B 328 -1.36 23.34 17.72
C ASP B 328 -2.25 24.58 17.70
N ASP B 329 -2.24 25.34 16.60
CA ASP B 329 -3.20 26.41 16.40
C ASP B 329 -4.44 25.95 15.66
N GLY B 330 -4.47 24.71 15.18
CA GLY B 330 -5.62 24.20 14.47
C GLY B 330 -5.79 24.75 13.06
N MET B 331 -4.82 25.48 12.54
CA MET B 331 -4.93 26.13 11.25
C MET B 331 -4.69 25.19 10.08
N ALA B 332 -4.27 23.95 10.34
CA ALA B 332 -4.04 23.01 9.26
C ALA B 332 -4.01 21.59 9.82
N VAL B 333 -4.18 20.62 8.92
CA VAL B 333 -4.03 19.21 9.25
C VAL B 333 -3.27 18.57 8.09
N ALA B 334 -2.28 17.75 8.42
CA ALA B 334 -1.48 17.08 7.40
C ALA B 334 -1.74 15.57 7.46
N THR B 335 -2.07 14.99 6.31
CA THR B 335 -2.42 13.58 6.21
C THR B 335 -1.37 12.88 5.37
N GLY B 336 -0.29 12.44 6.01
CA GLY B 336 0.67 11.60 5.32
C GLY B 336 0.10 10.23 5.08
N SER B 337 0.28 9.73 3.85
CA SER B 337 -0.31 8.47 3.43
C SER B 337 0.74 7.61 2.75
N TRP B 338 0.32 6.40 2.36
CA TRP B 338 1.22 5.45 1.75
C TRP B 338 1.61 5.82 0.32
N ASP B 339 0.97 6.81 -0.28
CA ASP B 339 1.44 7.29 -1.58
C ASP B 339 2.64 8.23 -1.47
N SER B 340 3.28 8.25 -0.30
CA SER B 340 4.50 9.01 -0.03
C SER B 340 4.29 10.52 -0.12
N PHE B 341 3.06 11.00 0.05
CA PHE B 341 2.75 12.42 -0.03
C PHE B 341 2.07 12.87 1.24
N LEU B 342 2.44 14.05 1.73
CA LEU B 342 1.80 14.68 2.89
C LEU B 342 0.97 15.84 2.36
N LYS B 343 -0.33 15.64 2.24
CA LYS B 343 -1.25 16.70 1.81
C LYS B 343 -1.76 17.46 3.03
N ILE B 344 -1.47 18.76 3.07
CA ILE B 344 -1.86 19.61 4.18
C ILE B 344 -3.19 20.24 3.84
N TRP B 345 -4.24 19.84 4.57
CA TRP B 345 -5.57 20.36 4.32
C TRP B 345 -5.86 21.53 5.25
N ASN B 346 -6.83 22.35 4.85
CA ASN B 346 -7.10 23.61 5.51
C ASN B 346 -8.58 23.84 5.78
N THR C 6 1.69 -21.35 40.44
CA THR C 6 1.86 -20.18 41.29
C THR C 6 1.96 -18.92 40.44
N ALA C 7 2.67 -19.01 39.31
CA ALA C 7 2.81 -17.86 38.43
C ALA C 7 1.46 -17.42 37.88
N SER C 8 0.62 -18.36 37.45
CA SER C 8 -0.72 -18.02 37.00
C SER C 8 -1.54 -17.45 38.14
N ILE C 9 -1.41 -18.01 39.34
CA ILE C 9 -2.12 -17.48 40.50
C ILE C 9 -1.63 -16.08 40.83
N ALA C 10 -0.32 -15.84 40.74
CA ALA C 10 0.21 -14.50 40.98
C ALA C 10 -0.31 -13.50 39.95
N GLN C 11 -0.38 -13.92 38.68
CA GLN C 11 -0.95 -13.04 37.65
C GLN C 11 -2.42 -12.76 37.94
N ALA C 12 -3.15 -13.76 38.43
CA ALA C 12 -4.54 -13.55 38.80
C ALA C 12 -4.66 -12.55 39.95
N ARG C 13 -3.75 -12.63 40.93
CA ARG C 13 -3.76 -11.66 42.03
C ARG C 13 -3.46 -10.26 41.53
N LYS C 14 -2.50 -10.11 40.62
CA LYS C 14 -2.24 -8.80 40.04
C LYS C 14 -3.47 -8.28 39.29
N LEU C 15 -4.14 -9.16 38.54
CA LEU C 15 -5.33 -8.76 37.79
C LEU C 15 -6.46 -8.33 38.72
N VAL C 16 -6.68 -9.07 39.80
CA VAL C 16 -7.76 -8.69 40.71
C VAL C 16 -7.44 -7.40 41.44
N GLU C 17 -6.16 -7.19 41.81
CA GLU C 17 -5.80 -5.91 42.41
C GLU C 17 -6.03 -4.76 41.45
N GLN C 18 -5.65 -4.94 40.17
CA GLN C 18 -5.89 -3.89 39.18
C GLN C 18 -7.37 -3.64 38.99
N LEU C 19 -8.18 -4.70 38.93
CA LEU C 19 -9.61 -4.54 38.74
C LEU C 19 -10.25 -3.85 39.94
N LYS C 20 -9.81 -4.19 41.16
CA LYS C 20 -10.33 -3.53 42.35
C LYS C 20 -9.97 -2.04 42.35
N MET C 21 -8.74 -1.72 41.96
CA MET C 21 -8.34 -0.32 41.89
C MET C 21 -9.06 0.43 40.77
N GLU C 22 -9.44 -0.25 39.70
CA GLU C 22 -10.08 0.39 38.56
C GLU C 22 -11.58 0.54 38.71
N ALA C 23 -12.24 -0.38 39.43
CA ALA C 23 -13.67 -0.24 39.67
C ALA C 23 -13.96 0.72 40.82
N ASN C 24 -12.96 1.01 41.66
CA ASN C 24 -13.12 1.95 42.76
C ASN C 24 -12.66 3.35 42.33
N ILE C 25 -13.32 3.85 41.28
CA ILE C 25 -13.07 5.18 40.74
C ILE C 25 -14.37 5.98 40.81
N ASP C 26 -14.29 7.18 41.36
CA ASP C 26 -15.45 8.05 41.48
C ASP C 26 -15.88 8.51 40.11
N ARG C 27 -17.09 8.14 39.70
CA ARG C 27 -17.60 8.45 38.38
C ARG C 27 -18.67 9.52 38.47
N ILE C 28 -18.78 10.30 37.39
CA ILE C 28 -19.70 11.42 37.30
C ILE C 28 -20.66 11.15 36.15
N LYS C 29 -21.91 11.57 36.33
CA LYS C 29 -22.99 11.21 35.40
C LYS C 29 -22.63 11.60 33.97
N VAL C 30 -23.00 10.71 33.04
CA VAL C 30 -22.63 10.89 31.64
C VAL C 30 -23.24 12.16 31.05
N SER C 31 -24.45 12.51 31.48
CA SER C 31 -25.04 13.75 31.00
C SER C 31 -24.17 14.95 31.35
N LYS C 32 -23.65 14.99 32.58
CA LYS C 32 -22.84 16.11 33.01
C LYS C 32 -21.53 16.18 32.22
N ALA C 33 -20.87 15.03 32.03
CA ALA C 33 -19.62 15.01 31.30
C ALA C 33 -19.82 15.39 29.84
N ALA C 34 -20.88 14.88 29.22
CA ALA C 34 -21.17 15.19 27.83
C ALA C 34 -21.51 16.67 27.66
N ALA C 35 -22.30 17.23 28.58
CA ALA C 35 -22.58 18.67 28.54
C ALA C 35 -21.33 19.49 28.77
N ASP C 36 -20.41 19.01 29.61
CA ASP C 36 -19.14 19.70 29.81
C ASP C 36 -18.32 19.72 28.53
N LEU C 37 -18.27 18.59 27.82
CA LEU C 37 -17.58 18.57 26.53
C LEU C 37 -18.24 19.52 25.54
N MET C 38 -19.57 19.54 25.51
CA MET C 38 -20.31 20.49 24.67
C MET C 38 -19.92 21.93 24.99
N ALA C 39 -19.92 22.27 26.29
CA ALA C 39 -19.62 23.63 26.70
C ALA C 39 -18.19 24.01 26.35
N TYR C 40 -17.25 23.10 26.56
CA TYR C 40 -15.85 23.41 26.20
C TYR C 40 -15.72 23.60 24.70
N CYS C 41 -16.38 22.75 23.91
CA CYS C 41 -16.26 22.85 22.46
C CYS C 41 -16.87 24.14 21.93
N GLU C 42 -18.02 24.55 22.46
CA GLU C 42 -18.65 25.79 22.03
C GLU C 42 -17.94 27.02 22.56
N ALA C 43 -17.25 26.90 23.71
CA ALA C 43 -16.50 28.03 24.25
C ALA C 43 -15.17 28.23 23.54
N HIS C 44 -14.76 27.27 22.71
CA HIS C 44 -13.51 27.37 21.95
C HIS C 44 -13.76 27.26 20.45
N ALA C 45 -15.01 27.45 20.02
CA ALA C 45 -15.32 27.31 18.61
C ALA C 45 -14.66 28.39 17.77
N LYS C 46 -14.66 29.63 18.26
CA LYS C 46 -14.18 30.75 17.45
C LYS C 46 -12.69 30.66 17.15
N GLU C 47 -11.87 30.27 18.11
CA GLU C 47 -10.43 30.15 17.85
C GLU C 47 -10.11 28.95 16.98
N ASP C 48 -11.05 28.03 16.81
CA ASP C 48 -10.83 26.87 15.95
C ASP C 48 -10.88 27.30 14.49
N PRO C 49 -9.80 27.11 13.72
CA PRO C 49 -9.85 27.56 12.31
C PRO C 49 -10.68 26.67 11.41
N LEU C 50 -10.58 25.35 11.57
CA LEU C 50 -11.25 24.44 10.66
C LEU C 50 -12.77 24.44 10.82
N LEU C 51 -13.29 24.98 11.92
CA LEU C 51 -14.74 25.06 12.10
C LEU C 51 -15.32 26.24 11.34
N THR C 52 -14.89 27.46 11.69
CA THR C 52 -15.27 28.66 10.96
C THR C 52 -14.08 29.07 10.09
N PRO C 53 -14.19 29.02 8.77
CA PRO C 53 -13.02 29.25 7.92
C PRO C 53 -12.40 30.62 8.14
N VAL C 54 -11.07 30.65 8.14
CA VAL C 54 -10.31 31.86 8.41
C VAL C 54 -10.22 32.69 7.13
N PRO C 55 -9.99 33.99 7.22
CA PRO C 55 -9.78 34.80 6.02
C PRO C 55 -8.52 34.38 5.28
N ALA C 56 -8.54 34.61 3.96
CA ALA C 56 -7.43 34.19 3.12
C ALA C 56 -6.14 34.92 3.48
N SER C 57 -6.25 36.16 3.96
CA SER C 57 -5.05 36.89 4.38
C SER C 57 -4.47 36.30 5.66
N GLU C 58 -5.32 35.96 6.62
CA GLU C 58 -4.84 35.38 7.87
C GLU C 58 -4.30 33.97 7.67
N ASN C 59 -4.86 33.23 6.72
CA ASN C 59 -4.46 31.85 6.47
C ASN C 59 -3.01 31.82 5.98
N PRO C 60 -2.12 31.14 6.70
CA PRO C 60 -0.70 31.12 6.29
C PRO C 60 -0.39 30.13 5.19
N PHE C 61 -1.32 29.26 4.83
CA PHE C 61 -1.07 28.23 3.83
C PHE C 61 -1.60 28.59 2.45
N ARG C 62 -2.18 29.76 2.28
CA ARG C 62 -2.68 30.18 0.97
C ARG C 62 -2.28 31.61 0.65
N GLN D 24 -17.56 -5.68 26.68
CA GLN D 24 -16.24 -6.11 26.23
C GLN D 24 -16.34 -7.36 25.36
N VAL D 25 -15.30 -7.61 24.58
CA VAL D 25 -15.22 -8.82 23.78
C VAL D 25 -15.15 -10.01 24.73
N GLN D 26 -16.21 -10.82 24.76
CA GLN D 26 -16.30 -11.94 25.69
C GLN D 26 -16.82 -13.16 24.94
N LEU D 27 -15.94 -14.14 24.73
CA LEU D 27 -16.29 -15.41 24.10
C LEU D 27 -16.22 -16.49 25.18
N GLN D 28 -17.37 -16.99 25.61
CA GLN D 28 -17.44 -18.00 26.65
C GLN D 28 -17.77 -19.35 26.02
N GLU D 29 -16.97 -20.36 26.35
CA GLU D 29 -17.13 -21.69 25.77
C GLU D 29 -17.96 -22.56 26.69
N SER D 30 -18.95 -23.25 26.12
CA SER D 30 -19.77 -24.20 26.85
C SER D 30 -19.52 -25.59 26.29
N GLY D 31 -20.20 -26.58 26.88
CA GLY D 31 -19.99 -27.95 26.49
C GLY D 31 -18.65 -28.48 27.02
N GLY D 32 -18.31 -29.67 26.54
CA GLY D 32 -17.07 -30.30 26.94
C GLY D 32 -17.20 -31.11 28.22
N GLY D 33 -16.45 -32.20 28.32
CA GLY D 33 -16.51 -33.04 29.49
C GLY D 33 -15.90 -34.41 29.21
N LEU D 34 -16.21 -35.36 30.08
CA LEU D 34 -15.69 -36.71 29.94
C LEU D 34 -16.26 -37.38 28.70
N VAL D 35 -15.39 -37.97 27.89
CA VAL D 35 -15.78 -38.56 26.61
C VAL D 35 -15.14 -39.93 26.51
N GLN D 36 -15.93 -40.92 26.14
CA GLN D 36 -15.41 -42.24 25.79
C GLN D 36 -14.80 -42.19 24.39
N PRO D 37 -13.94 -43.15 24.05
CA PRO D 37 -13.30 -43.11 22.73
C PRO D 37 -14.28 -43.36 21.60
N GLY D 38 -14.99 -42.30 21.19
CA GLY D 38 -16.06 -42.42 20.22
C GLY D 38 -17.37 -41.81 20.67
N GLY D 39 -17.31 -40.83 21.57
CA GLY D 39 -18.48 -40.10 22.00
C GLY D 39 -18.76 -38.88 21.13
N SER D 40 -19.96 -38.32 21.30
CA SER D 40 -20.42 -37.19 20.51
C SER D 40 -20.76 -36.02 21.43
N LEU D 41 -20.19 -34.86 21.14
CA LEU D 41 -20.38 -33.66 21.94
C LEU D 41 -20.75 -32.47 21.07
N ARG D 42 -21.57 -31.57 21.62
CA ARG D 42 -22.00 -30.34 20.96
C ARG D 42 -21.25 -29.19 21.62
N LEU D 43 -20.06 -28.88 21.12
CA LEU D 43 -19.27 -27.79 21.67
C LEU D 43 -19.83 -26.47 21.19
N SER D 44 -20.23 -25.61 22.13
CA SER D 44 -20.88 -24.34 21.81
C SER D 44 -20.05 -23.19 22.34
N CYS D 45 -20.13 -22.05 21.65
CA CYS D 45 -19.38 -20.85 21.98
C CYS D 45 -20.33 -19.66 22.04
N ALA D 46 -20.90 -19.39 23.21
CA ALA D 46 -21.82 -18.27 23.38
C ALA D 46 -21.01 -16.98 23.37
N ALA D 47 -20.81 -16.42 22.18
CA ALA D 47 -20.02 -15.20 22.04
C ALA D 47 -20.88 -13.96 22.37
N SER D 48 -20.20 -12.89 22.76
CA SER D 48 -20.88 -11.67 23.16
C SER D 48 -19.92 -10.50 23.01
N GLY D 49 -20.48 -9.30 22.87
CA GLY D 49 -19.70 -8.08 22.83
C GLY D 49 -19.47 -7.49 21.46
N PHE D 50 -20.02 -8.09 20.41
CA PHE D 50 -19.86 -7.55 19.06
C PHE D 50 -20.93 -8.12 18.16
N THR D 51 -21.09 -7.49 17.00
CA THR D 51 -21.97 -8.02 15.96
C THR D 51 -21.35 -9.31 15.43
N PHE D 52 -21.98 -10.45 15.74
CA PHE D 52 -21.36 -11.74 15.51
C PHE D 52 -21.16 -12.01 14.02
N SER D 53 -22.15 -11.66 13.20
CA SER D 53 -22.11 -12.02 11.79
C SER D 53 -21.25 -11.06 10.98
N ASN D 54 -20.03 -10.80 11.45
CA ASN D 54 -19.07 -9.98 10.71
C ASN D 54 -17.65 -10.51 10.79
N TYR D 55 -17.42 -11.66 11.42
CA TYR D 55 -16.07 -12.16 11.64
C TYR D 55 -15.98 -13.63 11.27
N LYS D 56 -14.79 -14.06 10.83
CA LYS D 56 -14.53 -15.46 10.53
C LYS D 56 -14.17 -16.15 11.84
N MET D 57 -15.18 -16.74 12.49
CA MET D 57 -14.93 -17.46 13.72
C MET D 57 -14.24 -18.79 13.43
N ASN D 58 -13.35 -19.19 14.32
CA ASN D 58 -12.58 -20.41 14.13
C ASN D 58 -12.23 -21.02 15.47
N TRP D 59 -12.01 -22.35 15.45
CA TRP D 59 -11.71 -23.11 16.65
C TRP D 59 -10.22 -23.42 16.72
N VAL D 60 -9.67 -23.42 17.93
CA VAL D 60 -8.26 -23.69 18.17
C VAL D 60 -8.16 -24.64 19.36
N ARG D 61 -7.39 -25.72 19.20
CA ARG D 61 -7.15 -26.65 20.29
C ARG D 61 -5.87 -26.31 21.04
N GLN D 62 -5.73 -26.92 22.21
CA GLN D 62 -4.52 -26.79 23.03
C GLN D 62 -4.22 -28.19 23.57
N ALA D 63 -3.41 -28.94 22.82
CA ALA D 63 -3.06 -30.29 23.20
C ALA D 63 -2.22 -30.28 24.49
N PRO D 64 -2.37 -31.30 25.33
CA PRO D 64 -1.65 -31.30 26.61
C PRO D 64 -0.14 -31.31 26.40
N GLY D 65 0.51 -30.23 26.84
CA GLY D 65 1.94 -30.12 26.72
C GLY D 65 2.39 -29.77 25.31
N LYS D 66 1.46 -29.37 24.46
CA LYS D 66 1.75 -29.02 23.08
C LYS D 66 1.19 -27.64 22.76
N GLY D 67 1.63 -27.10 21.63
CA GLY D 67 1.24 -25.76 21.23
C GLY D 67 -0.20 -25.67 20.75
N LEU D 68 -0.63 -24.46 20.40
CA LEU D 68 -1.99 -24.22 19.93
C LEU D 68 -2.08 -24.61 18.46
N GLU D 69 -3.17 -25.28 18.08
CA GLU D 69 -3.37 -25.72 16.71
C GLU D 69 -4.76 -25.35 16.24
N TRP D 70 -4.88 -25.11 14.93
CA TRP D 70 -6.13 -24.69 14.32
C TRP D 70 -7.02 -25.90 14.04
N VAL D 71 -8.30 -25.75 14.36
CA VAL D 71 -9.27 -26.84 14.24
C VAL D 71 -10.11 -26.71 12.97
N SER D 72 -10.87 -25.63 12.88
CA SER D 72 -11.71 -25.37 11.72
C SER D 72 -12.08 -23.89 11.73
N ASP D 73 -12.65 -23.42 10.63
CA ASP D 73 -13.13 -22.06 10.55
C ASP D 73 -14.36 -22.02 9.68
N ILE D 74 -15.19 -21.01 9.90
CA ILE D 74 -16.40 -20.80 9.11
C ILE D 74 -16.50 -19.31 8.83
N SER D 75 -16.91 -18.95 7.61
CA SER D 75 -16.94 -17.56 7.22
C SER D 75 -18.12 -16.85 7.86
N GLN D 76 -18.34 -15.60 7.45
CA GLN D 76 -19.41 -14.80 8.02
C GLN D 76 -20.78 -15.43 7.76
N SER D 77 -20.99 -15.94 6.55
CA SER D 77 -22.25 -16.56 6.19
C SER D 77 -22.26 -18.07 6.41
N GLY D 78 -21.14 -18.72 6.14
CA GLY D 78 -21.07 -20.17 6.26
C GLY D 78 -20.81 -20.84 4.93
N ALA D 79 -20.06 -20.16 4.06
CA ALA D 79 -19.75 -20.67 2.73
C ALA D 79 -18.26 -20.87 2.50
N SER D 80 -17.42 -20.66 3.52
CA SER D 80 -15.99 -20.86 3.42
C SER D 80 -15.50 -21.78 4.53
N ILE D 81 -16.26 -22.84 4.80
CA ILE D 81 -15.89 -23.78 5.85
C ILE D 81 -14.62 -24.53 5.45
N SER D 82 -13.68 -24.62 6.39
CA SER D 82 -12.43 -25.33 6.14
C SER D 82 -12.01 -26.01 7.43
N TYR D 83 -11.68 -27.29 7.34
CA TYR D 83 -11.29 -28.10 8.48
C TYR D 83 -9.78 -28.32 8.49
N THR D 84 -9.26 -28.65 9.67
CA THR D 84 -7.87 -29.07 9.76
C THR D 84 -7.70 -30.44 9.11
N GLY D 85 -6.45 -30.74 8.73
CA GLY D 85 -6.20 -31.96 7.99
C GLY D 85 -6.53 -33.22 8.79
N SER D 86 -6.09 -33.26 10.05
CA SER D 86 -6.18 -34.50 10.83
C SER D 86 -7.63 -34.95 11.01
N VAL D 87 -8.43 -34.15 11.71
CA VAL D 87 -9.84 -34.48 11.93
C VAL D 87 -10.63 -33.72 10.86
N LYS D 88 -10.99 -34.44 9.80
CA LYS D 88 -11.73 -33.84 8.70
C LYS D 88 -13.20 -34.25 8.70
N GLY D 89 -13.48 -35.54 8.87
CA GLY D 89 -14.85 -36.00 8.88
C GLY D 89 -15.42 -36.15 10.28
N ARG D 90 -14.55 -36.13 11.28
CA ARG D 90 -15.00 -36.29 12.66
C ARG D 90 -15.65 -35.01 13.19
N PHE D 91 -15.23 -33.86 12.70
CA PHE D 91 -15.68 -32.58 13.22
C PHE D 91 -16.51 -31.84 12.18
N THR D 92 -17.61 -31.24 12.63
CA THR D 92 -18.49 -30.48 11.75
C THR D 92 -18.85 -29.18 12.47
N ILE D 93 -18.29 -28.06 11.99
CA ILE D 93 -18.52 -26.75 12.58
C ILE D 93 -19.79 -26.16 11.98
N SER D 94 -20.48 -25.33 12.78
CA SER D 94 -21.72 -24.70 12.33
C SER D 94 -22.02 -23.53 13.24
N ARG D 95 -22.21 -22.35 12.64
CA ARG D 95 -22.54 -21.15 13.41
C ARG D 95 -24.00 -20.78 13.21
N ASP D 96 -24.60 -20.27 14.28
CA ASP D 96 -25.95 -19.72 14.26
C ASP D 96 -25.78 -18.21 14.45
N ASN D 97 -25.69 -17.48 13.33
CA ASN D 97 -25.33 -16.07 13.38
C ASN D 97 -26.30 -15.24 14.21
N ALA D 98 -27.56 -15.67 14.28
CA ALA D 98 -28.57 -14.95 15.06
C ALA D 98 -28.48 -15.24 16.56
N LYS D 99 -27.65 -16.21 16.97
CA LYS D 99 -27.47 -16.53 18.38
C LYS D 99 -26.06 -16.26 18.86
N ASN D 100 -25.20 -15.69 18.02
CA ASN D 100 -23.84 -15.30 18.40
C ASN D 100 -23.07 -16.48 18.96
N THR D 101 -23.15 -17.62 18.27
CA THR D 101 -22.61 -18.87 18.77
C THR D 101 -21.87 -19.62 17.66
N LEU D 102 -20.99 -20.51 18.09
CA LEU D 102 -20.15 -21.32 17.20
C LEU D 102 -20.19 -22.77 17.67
N TYR D 103 -20.95 -23.60 16.96
CA TYR D 103 -21.05 -25.01 17.31
C TYR D 103 -19.95 -25.79 16.62
N LEU D 104 -19.42 -26.81 17.31
CA LEU D 104 -18.45 -27.74 16.75
C LEU D 104 -18.89 -29.14 17.16
N GLN D 105 -19.70 -29.77 16.31
CA GLN D 105 -20.19 -31.13 16.58
C GLN D 105 -19.02 -32.09 16.50
N MET D 106 -18.56 -32.56 17.65
CA MET D 106 -17.41 -33.45 17.73
C MET D 106 -17.90 -34.83 18.14
N ASN D 107 -18.09 -35.71 17.15
CA ASN D 107 -18.41 -37.10 17.40
C ASN D 107 -17.22 -37.99 17.00
N SER D 108 -17.20 -39.20 17.58
CA SER D 108 -16.11 -40.15 17.38
C SER D 108 -14.77 -39.53 17.80
N LEU D 109 -14.70 -39.23 19.09
CA LEU D 109 -13.52 -38.58 19.67
C LEU D 109 -12.48 -39.62 20.02
N LYS D 110 -11.30 -39.48 19.43
CA LYS D 110 -10.14 -40.31 19.77
C LYS D 110 -9.39 -39.68 20.93
N PRO D 111 -8.50 -40.45 21.58
CA PRO D 111 -7.72 -39.87 22.69
C PRO D 111 -6.86 -38.69 22.30
N GLU D 112 -6.56 -38.52 21.00
CA GLU D 112 -5.81 -37.34 20.57
C GLU D 112 -6.59 -36.06 20.83
N ASP D 113 -7.91 -36.12 20.78
CA ASP D 113 -8.75 -34.94 21.03
C ASP D 113 -9.07 -34.78 22.52
N THR D 114 -8.03 -34.80 23.34
CA THR D 114 -8.15 -34.59 24.78
C THR D 114 -7.54 -33.24 25.16
N ALA D 115 -7.81 -32.23 24.34
CA ALA D 115 -7.16 -30.93 24.44
C ALA D 115 -8.10 -29.91 25.05
N VAL D 116 -7.60 -28.69 25.21
CA VAL D 116 -8.40 -27.55 25.64
C VAL D 116 -8.78 -26.78 24.40
N TYR D 117 -10.06 -26.83 24.03
CA TYR D 117 -10.51 -26.17 22.82
C TYR D 117 -10.72 -24.68 23.07
N TYR D 118 -10.43 -23.88 22.06
CA TYR D 118 -10.56 -22.43 22.15
C TYR D 118 -11.39 -21.90 20.98
N CYS D 119 -12.30 -21.00 21.30
CA CYS D 119 -13.18 -20.35 20.33
C CYS D 119 -12.58 -18.99 20.01
N ALA D 120 -12.02 -18.85 18.82
CA ALA D 120 -11.24 -17.68 18.45
C ALA D 120 -11.94 -16.89 17.36
N ARG D 121 -11.83 -15.57 17.43
CA ARG D 121 -12.38 -14.66 16.45
C ARG D 121 -11.25 -13.90 15.77
N CYS D 122 -11.28 -13.87 14.44
CA CYS D 122 -10.28 -13.12 13.71
C CYS D 122 -10.46 -11.62 13.98
N PRO D 123 -9.35 -10.87 14.03
CA PRO D 123 -9.44 -9.49 14.53
C PRO D 123 -10.14 -8.54 13.58
N ALA D 124 -9.84 -8.63 12.31
CA ALA D 124 -10.34 -7.66 11.36
C ALA D 124 -11.72 -8.06 10.86
N PRO D 125 -12.72 -7.18 11.00
CA PRO D 125 -14.00 -7.45 10.35
C PRO D 125 -13.85 -7.52 8.84
N PHE D 126 -14.64 -8.41 8.24
CA PHE D 126 -14.74 -8.53 6.78
C PHE D 126 -13.39 -8.88 6.14
N THR D 127 -12.83 -10.00 6.60
CA THR D 127 -11.60 -10.53 6.01
C THR D 127 -11.61 -12.03 6.15
N ARG D 128 -10.78 -12.69 5.32
CA ARG D 128 -10.76 -14.14 5.24
C ARG D 128 -9.45 -14.74 5.76
N ASP D 129 -8.79 -14.06 6.69
CA ASP D 129 -7.56 -14.58 7.29
C ASP D 129 -7.33 -13.89 8.63
N CYS D 130 -6.52 -14.53 9.46
CA CYS D 130 -6.17 -13.98 10.77
C CYS D 130 -5.04 -14.79 11.38
N PHE D 131 -4.19 -14.11 12.16
CA PHE D 131 -3.05 -14.74 12.83
C PHE D 131 -3.40 -14.95 14.31
N ASP D 132 -4.05 -16.08 14.59
CA ASP D 132 -4.56 -16.38 15.92
C ASP D 132 -4.00 -17.67 16.52
N VAL D 133 -2.92 -18.20 15.94
CA VAL D 133 -2.31 -19.43 16.43
C VAL D 133 -1.25 -19.07 17.46
N THR D 134 -1.23 -17.80 17.87
CA THR D 134 -0.19 -17.27 18.74
C THR D 134 -0.20 -17.93 20.12
N SER D 135 0.94 -18.50 20.52
CA SER D 135 1.04 -19.12 21.83
C SER D 135 0.81 -18.09 22.94
N THR D 136 1.39 -16.90 22.80
CA THR D 136 1.08 -15.82 23.70
C THR D 136 -0.39 -15.46 23.56
N THR D 137 -0.99 -14.99 24.66
CA THR D 137 -2.43 -14.81 24.72
C THR D 137 -2.93 -13.92 23.59
N TYR D 138 -3.65 -14.52 22.65
CA TYR D 138 -4.31 -13.76 21.60
C TYR D 138 -5.52 -13.03 22.18
N ALA D 139 -5.69 -11.77 21.79
CA ALA D 139 -6.63 -10.90 22.48
C ALA D 139 -8.06 -11.40 22.38
N TYR D 140 -8.42 -12.07 21.28
CA TYR D 140 -9.80 -12.46 21.02
C TYR D 140 -9.87 -13.99 20.97
N ARG D 141 -9.98 -14.59 22.15
CA ARG D 141 -9.98 -16.04 22.27
C ARG D 141 -10.47 -16.39 23.67
N GLY D 142 -11.39 -17.34 23.75
CA GLY D 142 -12.07 -17.62 25.00
C GLY D 142 -11.19 -18.34 26.00
N GLN D 143 -11.76 -18.54 27.19
CA GLN D 143 -11.06 -19.28 28.25
C GLN D 143 -10.92 -20.75 27.91
N GLY D 144 -11.88 -21.32 27.21
CA GLY D 144 -11.74 -22.67 26.69
C GLY D 144 -12.23 -23.74 27.64
N THR D 145 -12.60 -24.88 27.07
CA THR D 145 -13.04 -26.04 27.81
C THR D 145 -12.14 -27.23 27.52
N GLN D 146 -12.01 -28.11 28.51
CA GLN D 146 -11.20 -29.31 28.40
C GLN D 146 -12.12 -30.50 28.14
N VAL D 147 -11.88 -31.21 27.05
CA VAL D 147 -12.66 -32.40 26.70
C VAL D 147 -11.76 -33.60 26.94
N THR D 148 -12.10 -34.41 27.94
CA THR D 148 -11.28 -35.54 28.33
C THR D 148 -11.77 -36.80 27.63
N VAL D 149 -10.94 -37.35 26.75
CA VAL D 149 -11.29 -38.57 26.03
C VAL D 149 -10.38 -39.70 26.44
N CYS E 235 -16.71 19.80 -55.89
CA CYS E 235 -15.65 18.83 -56.07
C CYS E 235 -15.59 17.85 -54.90
N GLY E 236 -16.11 16.65 -55.13
CA GLY E 236 -16.09 15.63 -54.09
C GLY E 236 -14.68 15.23 -53.68
N LEU E 237 -13.75 15.21 -54.63
CA LEU E 237 -12.35 14.90 -54.32
C LEU E 237 -11.79 15.88 -53.31
N GLY E 238 -12.24 17.12 -53.34
CA GLY E 238 -11.89 18.11 -52.34
C GLY E 238 -12.92 18.32 -51.26
N PHE E 239 -14.11 17.72 -51.41
CA PHE E 239 -15.15 17.85 -50.40
C PHE E 239 -15.01 16.81 -49.30
N VAL E 240 -14.64 15.58 -49.66
CA VAL E 240 -14.45 14.51 -48.69
C VAL E 240 -13.38 14.89 -47.66
N PRO E 241 -12.24 15.47 -48.07
CA PRO E 241 -11.26 15.87 -47.04
C PRO E 241 -11.79 16.85 -46.01
N VAL E 242 -12.65 17.79 -46.41
CA VAL E 242 -13.13 18.80 -45.48
C VAL E 242 -13.94 18.15 -44.35
N VAL E 243 -14.90 17.30 -44.71
CA VAL E 243 -15.72 16.64 -43.69
C VAL E 243 -14.89 15.64 -42.91
N TYR E 244 -13.96 14.95 -43.58
CA TYR E 244 -13.11 13.99 -42.87
C TYR E 244 -12.28 14.69 -41.80
N TYR E 245 -11.71 15.84 -42.13
CA TYR E 245 -10.87 16.55 -41.17
C TYR E 245 -11.70 17.22 -40.09
N SER E 246 -12.93 17.64 -40.42
CA SER E 246 -13.83 18.12 -39.37
C SER E 246 -14.10 17.03 -38.35
N LEU E 247 -14.43 15.82 -38.83
CA LEU E 247 -14.65 14.69 -37.92
C LEU E 247 -13.37 14.36 -37.16
N LEU E 248 -12.23 14.40 -37.84
CA LEU E 248 -10.95 14.08 -37.19
C LEU E 248 -10.67 15.04 -36.05
N LEU E 249 -10.89 16.34 -36.28
CA LEU E 249 -10.69 17.34 -35.23
C LEU E 249 -11.64 17.11 -34.07
N CYS E 250 -12.95 17.03 -34.36
CA CYS E 250 -13.94 16.89 -33.30
C CYS E 250 -13.87 15.54 -32.60
N LEU E 251 -13.13 14.59 -33.14
CA LEU E 251 -12.96 13.29 -32.49
C LEU E 251 -11.61 13.12 -31.82
N GLY E 252 -10.59 13.87 -32.21
CA GLY E 252 -9.28 13.70 -31.63
C GLY E 252 -8.88 14.79 -30.66
N LEU E 253 -9.23 16.04 -30.92
CA LEU E 253 -8.88 17.11 -30.00
C LEU E 253 -9.51 16.88 -28.62
N PRO E 254 -10.81 16.59 -28.51
CA PRO E 254 -11.37 16.29 -27.18
C PRO E 254 -10.71 15.09 -26.52
N ALA E 255 -10.37 14.06 -27.28
CA ALA E 255 -9.78 12.86 -26.68
C ALA E 255 -8.43 13.16 -26.06
N ASN E 256 -7.56 13.85 -26.81
CA ASN E 256 -6.23 14.15 -26.28
C ASN E 256 -6.28 15.23 -25.21
N ILE E 257 -7.23 16.16 -25.29
CA ILE E 257 -7.42 17.12 -24.21
C ILE E 257 -7.82 16.39 -22.93
N LEU E 258 -8.72 15.42 -23.05
CA LEU E 258 -9.09 14.61 -21.89
C LEU E 258 -7.89 13.82 -21.37
N THR E 259 -7.05 13.33 -22.29
CA THR E 259 -5.85 12.61 -21.88
C THR E 259 -4.94 13.50 -21.04
N VAL E 260 -4.72 14.73 -21.50
CA VAL E 260 -3.87 15.66 -20.76
C VAL E 260 -4.50 15.99 -19.41
N ILE E 261 -5.82 16.18 -19.38
CA ILE E 261 -6.50 16.51 -18.12
C ILE E 261 -6.36 15.36 -17.13
N ILE E 262 -6.55 14.13 -17.58
CA ILE E 262 -6.46 12.97 -16.69
C ILE E 262 -5.03 12.78 -16.20
N LEU E 263 -4.06 12.83 -17.12
CA LEU E 263 -2.68 12.56 -16.73
C LEU E 263 -2.02 13.72 -15.99
N SER E 264 -2.64 14.91 -15.99
CA SER E 264 -2.09 16.02 -15.23
C SER E 264 -2.31 15.86 -13.73
N GLN E 265 -3.30 15.06 -13.33
CA GLN E 265 -3.61 14.85 -11.93
C GLN E 265 -3.27 13.43 -11.46
N LEU E 266 -2.80 12.57 -12.36
CA LEU E 266 -2.53 11.19 -12.01
C LEU E 266 -1.19 11.11 -11.29
N VAL E 267 -1.23 10.80 -9.99
CA VAL E 267 -0.06 10.94 -9.13
C VAL E 267 1.01 9.91 -9.47
N ALA E 268 0.65 8.84 -10.19
CA ALA E 268 1.64 7.84 -10.56
C ALA E 268 2.64 8.32 -11.59
N ARG E 269 2.42 9.52 -12.16
CA ARG E 269 3.32 10.04 -13.17
C ARG E 269 4.73 10.21 -12.64
N ARG E 270 4.86 10.72 -11.42
CA ARG E 270 6.17 10.88 -10.79
C ARG E 270 6.68 9.59 -10.17
N GLN E 271 6.05 8.46 -10.46
CA GLN E 271 6.54 7.15 -10.06
C GLN E 271 6.93 6.26 -11.25
N LYS E 272 6.37 6.51 -12.43
CA LYS E 272 6.66 5.70 -13.61
C LYS E 272 6.79 6.60 -14.83
N SER E 273 7.72 6.25 -15.72
CA SER E 273 8.05 7.08 -16.87
C SER E 273 7.08 6.90 -18.03
N VAL E 274 6.34 5.79 -18.07
CA VAL E 274 5.41 5.57 -19.16
C VAL E 274 4.31 6.63 -19.17
N TYR E 275 3.90 7.09 -17.99
CA TYR E 275 2.87 8.13 -17.94
C TYR E 275 3.39 9.45 -18.48
N ASN E 276 4.66 9.79 -18.19
CA ASN E 276 5.25 10.98 -18.77
C ASN E 276 5.34 10.86 -20.29
N TYR E 277 5.75 9.69 -20.79
CA TYR E 277 5.82 9.51 -22.23
C TYR E 277 4.44 9.63 -22.87
N LEU E 278 3.41 9.06 -22.22
CA LEU E 278 2.06 9.15 -22.74
C LEU E 278 1.54 10.59 -22.74
N LEU E 279 1.86 11.35 -21.69
CA LEU E 279 1.46 12.75 -21.66
C LEU E 279 2.16 13.54 -22.75
N ALA E 280 3.44 13.25 -23.00
CA ALA E 280 4.14 13.88 -24.11
C ALA E 280 3.52 13.52 -25.45
N LEU E 281 3.11 12.26 -25.61
CA LEU E 281 2.44 11.85 -26.83
C LEU E 281 1.13 12.59 -27.02
N ALA E 282 0.37 12.76 -25.92
CA ALA E 282 -0.87 13.53 -25.99
C ALA E 282 -0.60 14.98 -26.37
N ALA E 283 0.44 15.58 -25.79
CA ALA E 283 0.78 16.97 -26.12
C ALA E 283 1.19 17.10 -27.58
N ALA E 284 2.00 16.17 -28.07
CA ALA E 284 2.39 16.20 -29.48
C ALA E 284 1.18 15.97 -30.38
N ASP E 285 0.23 15.15 -29.94
CA ASP E 285 -1.00 14.97 -30.70
C ASP E 285 -1.82 16.25 -30.74
N ILE E 286 -1.90 16.98 -29.62
CA ILE E 286 -2.52 18.29 -29.63
C ILE E 286 -1.83 19.19 -30.66
N LEU E 287 -0.51 19.24 -30.62
CA LEU E 287 0.23 20.13 -31.52
C LEU E 287 -0.04 19.77 -32.97
N VAL E 288 0.05 18.48 -33.32
CA VAL E 288 -0.16 18.06 -34.69
C VAL E 288 -1.58 18.34 -35.12
N LEU E 289 -2.55 17.82 -34.37
CA LEU E 289 -3.94 17.89 -34.78
C LEU E 289 -4.45 19.33 -34.80
N PHE E 290 -3.87 20.22 -34.01
CA PHE E 290 -4.19 21.63 -34.15
C PHE E 290 -3.52 22.19 -35.40
N PHE E 291 -2.19 22.21 -35.42
CA PHE E 291 -1.44 22.91 -36.46
C PHE E 291 -1.73 22.36 -37.85
N ILE E 292 -1.30 21.12 -38.12
CA ILE E 292 -1.38 20.61 -39.49
C ILE E 292 -2.83 20.43 -39.92
N VAL E 293 -3.71 19.99 -39.01
CA VAL E 293 -5.07 19.65 -39.41
C VAL E 293 -5.99 20.86 -39.46
N PHE E 294 -5.70 21.93 -38.71
CA PHE E 294 -6.48 23.16 -38.77
C PHE E 294 -5.85 24.21 -39.68
N VAL E 295 -4.69 24.75 -39.32
CA VAL E 295 -4.22 25.95 -39.98
C VAL E 295 -3.59 25.65 -41.34
N ASP E 296 -3.32 24.39 -41.65
CA ASP E 296 -2.86 23.98 -42.96
C ASP E 296 -3.93 23.27 -43.77
N PHE E 297 -4.82 22.52 -43.11
CA PHE E 297 -5.77 21.68 -43.83
C PHE E 297 -7.19 22.25 -43.88
N LEU E 298 -7.70 22.83 -42.79
CA LEU E 298 -9.00 23.48 -42.89
C LEU E 298 -8.82 24.89 -43.43
N LEU E 299 -8.15 25.75 -42.66
CA LEU E 299 -8.04 27.15 -43.02
C LEU E 299 -7.31 27.33 -44.35
N GLU E 300 -6.01 27.04 -44.36
CA GLU E 300 -5.18 27.35 -45.51
C GLU E 300 -5.67 26.66 -46.77
N ASP E 301 -6.34 25.52 -46.62
CA ASP E 301 -6.70 24.74 -47.79
C ASP E 301 -8.07 25.14 -48.34
N PHE E 302 -9.11 25.18 -47.49
CA PHE E 302 -10.45 25.39 -48.01
C PHE E 302 -11.25 26.36 -47.13
N ILE E 303 -10.60 27.36 -46.54
CA ILE E 303 -11.35 28.40 -45.84
C ILE E 303 -10.86 29.76 -46.31
N LEU E 304 -9.55 30.01 -46.18
CA LEU E 304 -8.98 31.31 -46.51
C LEU E 304 -8.51 31.37 -47.96
N ASN E 305 -7.54 30.52 -48.33
CA ASN E 305 -6.97 30.49 -49.67
C ASN E 305 -6.53 31.87 -50.12
N MET E 306 -6.00 32.65 -49.18
CA MET E 306 -5.64 34.04 -49.46
C MET E 306 -4.29 34.45 -48.89
N GLN E 307 -3.71 33.69 -47.98
CA GLN E 307 -2.52 34.15 -47.26
C GLN E 307 -1.36 34.38 -48.21
N MET E 308 -0.54 35.38 -47.90
CA MET E 308 0.71 35.57 -48.61
C MET E 308 1.64 34.41 -48.25
N PRO E 309 2.19 33.69 -49.23
CA PRO E 309 3.03 32.52 -48.94
C PRO E 309 4.49 32.86 -48.70
N GLN E 310 4.74 33.91 -47.90
CA GLN E 310 6.11 34.27 -47.55
C GLN E 310 6.36 34.16 -46.06
N VAL E 311 5.67 34.93 -45.23
CA VAL E 311 5.87 34.90 -43.78
C VAL E 311 5.08 33.78 -43.11
N PRO E 312 3.78 33.62 -43.37
CA PRO E 312 3.01 32.64 -42.58
C PRO E 312 2.82 31.27 -43.20
N ASP E 313 3.41 30.95 -44.35
CA ASP E 313 3.26 29.63 -44.94
C ASP E 313 4.45 28.73 -44.66
N LYS E 314 5.64 29.13 -45.14
CA LYS E 314 6.82 28.28 -44.97
C LYS E 314 7.29 28.25 -43.52
N ILE E 315 7.26 29.40 -42.84
CA ILE E 315 7.64 29.40 -41.44
C ILE E 315 6.68 28.59 -40.59
N ILE E 316 5.39 28.52 -40.95
CA ILE E 316 4.48 27.71 -40.15
C ILE E 316 4.59 26.23 -40.51
N GLU E 317 4.98 25.91 -41.74
CA GLU E 317 5.28 24.50 -42.01
C GLU E 317 6.55 24.08 -41.30
N VAL E 318 7.45 25.03 -41.01
CA VAL E 318 8.61 24.71 -40.18
C VAL E 318 8.19 24.09 -38.86
N LEU E 319 7.20 24.69 -38.18
CA LEU E 319 6.70 24.15 -36.93
C LEU E 319 5.72 23.00 -37.10
N GLU E 320 5.03 22.91 -38.24
CA GLU E 320 4.13 21.79 -38.46
C GLU E 320 4.88 20.48 -38.67
N PHE E 321 5.94 20.52 -39.49
CA PHE E 321 6.82 19.36 -39.61
C PHE E 321 7.43 19.01 -38.26
N SER E 322 7.78 20.02 -37.47
CA SER E 322 8.31 19.75 -36.14
C SER E 322 7.29 19.03 -35.27
N SER E 323 6.02 19.43 -35.36
CA SER E 323 4.98 18.77 -34.59
C SER E 323 4.87 17.30 -34.97
N ILE E 324 4.84 17.01 -36.27
CA ILE E 324 4.67 15.61 -36.68
C ILE E 324 5.92 14.79 -36.32
N HIS E 325 7.11 15.40 -36.46
CA HIS E 325 8.34 14.72 -36.08
C HIS E 325 8.37 14.43 -34.59
N THR E 326 7.90 15.37 -33.77
CA THR E 326 7.77 15.12 -32.34
C THR E 326 6.78 14.01 -32.04
N SER E 327 5.66 13.96 -32.77
CA SER E 327 4.71 12.88 -32.55
C SER E 327 5.36 11.53 -32.81
N ILE E 328 6.19 11.43 -33.85
CA ILE E 328 6.85 10.16 -34.14
C ILE E 328 7.94 9.86 -33.10
N TRP E 329 8.77 10.84 -32.77
CA TRP E 329 9.90 10.64 -31.88
C TRP E 329 9.54 10.84 -30.41
N ILE E 330 8.25 10.82 -30.07
CA ILE E 330 7.81 10.59 -28.71
C ILE E 330 7.36 9.14 -28.61
N THR E 331 6.76 8.61 -29.68
CA THR E 331 6.46 7.19 -29.73
C THR E 331 7.72 6.34 -29.74
N VAL E 332 8.79 6.83 -30.38
CA VAL E 332 10.05 6.08 -30.37
C VAL E 332 10.60 5.86 -28.97
N PRO E 333 10.84 6.88 -28.14
CA PRO E 333 11.36 6.60 -26.79
C PRO E 333 10.39 5.81 -25.93
N LEU E 334 9.08 5.94 -26.18
CA LEU E 334 8.11 5.12 -25.46
C LEU E 334 8.32 3.65 -25.77
N THR E 335 8.56 3.31 -27.03
CA THR E 335 8.82 1.93 -27.39
C THR E 335 10.16 1.45 -26.84
N ILE E 336 11.17 2.33 -26.80
CA ILE E 336 12.43 1.95 -26.18
C ILE E 336 12.23 1.66 -24.69
N ASP E 337 11.45 2.49 -24.01
CA ASP E 337 11.16 2.28 -22.60
C ASP E 337 10.41 0.97 -22.38
N ARG E 338 9.44 0.68 -23.25
CA ARG E 338 8.72 -0.59 -23.13
C ARG E 338 9.64 -1.78 -23.36
N TYR E 339 10.54 -1.66 -24.34
CA TYR E 339 11.52 -2.72 -24.56
C TYR E 339 12.37 -2.95 -23.34
N ILE E 340 12.84 -1.87 -22.71
CA ILE E 340 13.63 -2.02 -21.49
C ILE E 340 12.82 -2.72 -20.42
N ALA E 341 11.61 -2.23 -20.16
CA ALA E 341 10.78 -2.74 -19.09
C ALA E 341 10.30 -4.17 -19.33
N VAL E 342 10.29 -4.66 -20.57
CA VAL E 342 9.85 -6.01 -20.85
C VAL E 342 11.02 -6.98 -20.97
N CYS E 343 12.02 -6.67 -21.79
CA CYS E 343 13.13 -7.58 -22.02
C CYS E 343 14.18 -7.54 -20.92
N HIS E 344 14.33 -6.42 -20.22
CA HIS E 344 15.22 -6.32 -19.05
C HIS E 344 14.42 -5.76 -17.89
N PRO E 345 13.40 -6.48 -17.44
CA PRO E 345 12.47 -5.90 -16.45
C PRO E 345 13.14 -5.56 -15.13
N LEU E 346 14.12 -6.35 -14.70
CA LEU E 346 14.72 -6.16 -13.39
C LEU E 346 15.67 -4.97 -13.36
N LYS E 347 16.42 -4.75 -14.45
CA LYS E 347 17.25 -3.56 -14.60
C LYS E 347 16.51 -2.45 -15.35
N TYR E 348 15.32 -2.11 -14.86
CA TYR E 348 14.45 -1.14 -15.52
C TYR E 348 14.46 0.22 -14.83
N HIS E 349 14.26 0.26 -13.52
CA HIS E 349 14.31 1.53 -12.80
C HIS E 349 15.72 2.10 -12.74
N THR E 350 16.74 1.28 -12.97
CA THR E 350 18.12 1.77 -13.02
C THR E 350 18.39 2.62 -14.26
N VAL E 351 17.82 2.26 -15.40
CA VAL E 351 18.10 2.95 -16.65
C VAL E 351 16.85 3.63 -17.18
N SER E 352 15.84 3.82 -16.33
CA SER E 352 14.62 4.51 -16.73
C SER E 352 14.00 5.13 -15.49
N TYR E 353 14.15 6.44 -15.35
CA TYR E 353 13.61 7.19 -14.22
C TYR E 353 13.16 8.55 -14.71
N PRO E 354 12.27 9.23 -13.99
CA PRO E 354 11.77 10.52 -14.47
C PRO E 354 12.77 11.67 -14.30
N ALA E 355 14.03 11.39 -14.60
CA ALA E 355 15.04 12.42 -14.88
C ALA E 355 15.64 12.25 -16.26
N ARG E 356 16.07 11.03 -16.61
CA ARG E 356 16.32 10.72 -18.00
C ARG E 356 15.06 10.89 -18.83
N THR E 357 13.90 10.63 -18.23
CA THR E 357 12.64 10.89 -18.93
C THR E 357 12.50 12.37 -19.26
N ARG E 358 12.79 13.24 -18.30
CA ARG E 358 12.74 14.68 -18.57
C ARG E 358 13.76 15.07 -19.64
N LYS E 359 14.96 14.52 -19.55
CA LYS E 359 15.99 14.81 -20.54
C LYS E 359 15.53 14.46 -21.94
N VAL E 360 15.03 13.23 -22.13
CA VAL E 360 14.61 12.78 -23.46
C VAL E 360 13.27 13.37 -23.89
N ILE E 361 12.49 13.92 -22.96
CA ILE E 361 11.19 14.49 -23.30
C ILE E 361 11.31 15.96 -23.64
N VAL E 362 12.35 16.65 -23.16
CA VAL E 362 12.59 18.04 -23.52
C VAL E 362 13.73 18.17 -24.52
N SER E 363 14.42 17.08 -24.83
CA SER E 363 15.42 17.09 -25.88
C SER E 363 14.88 16.62 -27.22
N VAL E 364 13.62 16.19 -27.27
CA VAL E 364 12.97 15.88 -28.54
C VAL E 364 12.11 17.04 -29.03
N TYR E 365 11.41 17.72 -28.12
CA TYR E 365 10.73 18.95 -28.49
C TYR E 365 11.70 19.92 -29.13
N ILE E 366 12.81 20.19 -28.45
CA ILE E 366 13.78 21.15 -28.94
C ILE E 366 14.44 20.66 -30.22
N THR E 367 14.83 19.39 -30.28
CA THR E 367 15.51 18.92 -31.49
C THR E 367 14.58 18.91 -32.70
N CYS E 368 13.28 18.67 -32.49
CA CYS E 368 12.33 18.75 -33.59
C CYS E 368 12.03 20.17 -34.02
N PHE E 369 11.89 21.11 -33.07
CA PHE E 369 11.75 22.50 -33.44
C PHE E 369 13.04 23.11 -34.00
N LEU E 370 14.17 22.43 -33.85
CA LEU E 370 15.43 22.98 -34.34
C LEU E 370 15.83 22.37 -35.69
N THR E 371 15.62 21.07 -35.86
CA THR E 371 15.96 20.40 -37.11
C THR E 371 14.83 20.49 -38.14
N SER E 372 13.71 21.09 -37.79
CA SER E 372 12.66 21.39 -38.75
C SER E 372 12.79 22.76 -39.37
N ILE E 373 13.74 23.56 -38.90
CA ILE E 373 14.09 24.84 -39.52
C ILE E 373 14.46 24.60 -40.98
N PRO E 374 15.20 23.54 -41.34
CA PRO E 374 15.39 23.24 -42.76
C PRO E 374 14.10 23.07 -43.55
N TYR E 375 12.96 22.80 -42.90
CA TYR E 375 11.71 22.71 -43.63
C TYR E 375 11.16 24.10 -43.91
N TYR E 376 12.02 24.94 -44.46
CA TYR E 376 11.68 26.26 -44.98
C TYR E 376 11.60 26.27 -46.50
N TRP E 377 12.12 25.21 -47.15
CA TRP E 377 12.17 25.09 -48.60
C TRP E 377 11.16 24.10 -49.14
N TRP E 378 10.08 23.84 -48.41
CA TRP E 378 9.14 22.81 -48.82
C TRP E 378 8.57 23.16 -50.20
N PRO E 379 8.50 22.18 -51.11
CA PRO E 379 8.36 22.52 -52.54
C PRO E 379 7.09 23.28 -52.88
N ASN E 380 5.96 22.96 -52.25
CA ASN E 380 4.66 23.45 -52.70
C ASN E 380 4.49 23.14 -54.19
N ILE E 381 4.45 21.83 -54.48
CA ILE E 381 4.71 21.33 -55.83
C ILE E 381 3.72 21.86 -56.85
N TRP E 382 2.52 22.24 -56.43
CA TRP E 382 1.51 22.70 -57.37
C TRP E 382 1.39 24.23 -57.42
N THR E 383 2.41 24.97 -56.98
CA THR E 383 2.30 26.42 -56.97
C THR E 383 2.20 26.98 -58.40
N GLU E 384 3.28 26.89 -59.17
CA GLU E 384 3.28 27.38 -60.54
C GLU E 384 4.09 26.45 -61.44
N ASP E 385 3.93 25.15 -61.27
CA ASP E 385 4.74 24.15 -61.98
C ASP E 385 6.23 24.39 -61.70
N TYR E 386 6.60 24.22 -60.43
CA TYR E 386 7.95 24.53 -59.99
C TYR E 386 8.97 23.59 -60.63
N ILE E 387 10.23 24.02 -60.64
CA ILE E 387 11.33 23.18 -61.09
C ILE E 387 12.02 22.58 -59.88
N SER E 388 12.25 21.27 -59.90
CA SER E 388 12.83 20.59 -58.76
C SER E 388 14.31 20.94 -58.62
N THR E 389 14.71 21.31 -57.41
CA THR E 389 16.10 21.63 -57.10
C THR E 389 16.63 20.66 -56.04
N SER E 390 17.91 20.80 -55.72
CA SER E 390 18.59 19.86 -54.84
C SER E 390 18.20 20.01 -53.38
N VAL E 391 17.67 21.16 -52.97
CA VAL E 391 17.28 21.34 -51.58
C VAL E 391 16.06 20.49 -51.25
N HIS E 392 15.10 20.40 -52.17
CA HIS E 392 13.92 19.57 -51.92
C HIS E 392 14.28 18.11 -51.80
N HIS E 393 15.25 17.63 -52.58
CA HIS E 393 15.65 16.23 -52.52
C HIS E 393 16.19 15.88 -51.15
N VAL E 394 17.16 16.65 -50.66
CA VAL E 394 17.74 16.39 -49.34
C VAL E 394 16.68 16.57 -48.26
N LEU E 395 15.79 17.55 -48.43
CA LEU E 395 14.75 17.77 -47.43
C LEU E 395 13.81 16.58 -47.32
N ILE E 396 13.38 16.03 -48.45
CA ILE E 396 12.47 14.88 -48.41
C ILE E 396 13.20 13.62 -47.94
N TRP E 397 14.49 13.48 -48.28
CA TRP E 397 15.25 12.36 -47.72
C TRP E 397 15.34 12.45 -46.20
N ILE E 398 15.58 13.65 -45.67
CA ILE E 398 15.64 13.82 -44.23
C ILE E 398 14.28 13.53 -43.61
N HIS E 399 13.20 14.00 -44.25
CA HIS E 399 11.86 13.70 -43.74
C HIS E 399 11.62 12.20 -43.70
N CYS E 400 11.99 11.48 -44.75
CA CYS E 400 11.85 10.03 -44.76
C CYS E 400 12.62 9.40 -43.61
N PHE E 401 13.92 9.73 -43.52
CA PHE E 401 14.79 9.18 -42.49
C PHE E 401 14.33 9.52 -41.08
N THR E 402 13.54 10.57 -40.91
CA THR E 402 13.14 11.00 -39.59
C THR E 402 11.73 10.56 -39.19
N VAL E 403 10.84 10.30 -40.15
CA VAL E 403 9.48 9.90 -39.84
C VAL E 403 9.25 8.41 -40.07
N TYR E 404 9.77 7.84 -41.18
CA TYR E 404 9.39 6.47 -41.42
C TYR E 404 10.54 5.48 -41.42
N LEU E 405 11.57 5.70 -42.24
CA LEU E 405 12.52 4.63 -42.52
C LEU E 405 13.30 4.23 -41.27
N VAL E 406 13.78 5.20 -40.50
CA VAL E 406 14.49 4.90 -39.26
C VAL E 406 13.50 4.59 -38.14
N PRO E 407 12.45 5.39 -37.92
CA PRO E 407 11.49 5.02 -36.87
C PRO E 407 10.85 3.66 -37.06
N CYS E 408 10.48 3.30 -38.29
CA CYS E 408 9.90 1.97 -38.49
C CYS E 408 10.95 0.88 -38.29
N SER E 409 12.20 1.16 -38.66
CA SER E 409 13.27 0.18 -38.43
C SER E 409 13.45 -0.07 -36.94
N ILE E 410 13.44 0.98 -36.13
CA ILE E 410 13.64 0.81 -34.69
C ILE E 410 12.35 0.47 -33.96
N PHE E 411 11.21 0.51 -34.63
CA PHE E 411 9.98 -0.10 -34.14
C PHE E 411 10.01 -1.61 -34.35
N PHE E 412 10.27 -2.04 -35.59
CA PHE E 412 10.16 -3.45 -35.96
C PHE E 412 11.13 -4.32 -35.19
N ILE E 413 12.40 -3.89 -35.08
CA ILE E 413 13.40 -4.72 -34.41
C ILE E 413 13.04 -4.90 -32.95
N LEU E 414 12.73 -3.80 -32.25
CA LEU E 414 12.40 -3.88 -30.83
C LEU E 414 11.15 -4.71 -30.61
N ASN E 415 10.10 -4.49 -31.41
CA ASN E 415 8.87 -5.24 -31.23
C ASN E 415 9.04 -6.71 -31.54
N SER E 416 9.81 -7.04 -32.59
CA SER E 416 10.06 -8.44 -32.91
C SER E 416 10.86 -9.13 -31.82
N ILE E 417 11.86 -8.44 -31.24
CA ILE E 417 12.62 -9.03 -30.14
C ILE E 417 11.71 -9.24 -28.94
N ILE E 418 10.82 -8.29 -28.65
CA ILE E 418 9.92 -8.45 -27.52
C ILE E 418 9.01 -9.65 -27.73
N VAL E 419 8.41 -9.76 -28.92
CA VAL E 419 7.51 -10.88 -29.21
C VAL E 419 8.27 -12.20 -29.13
N TYR E 420 9.48 -12.24 -29.69
CA TYR E 420 10.34 -13.42 -29.60
C TYR E 420 10.55 -13.84 -28.15
N LYS E 421 11.11 -12.95 -27.34
CA LYS E 421 11.46 -13.30 -25.98
C LYS E 421 10.25 -13.47 -25.08
N LEU E 422 9.06 -13.04 -25.50
CA LEU E 422 7.87 -13.21 -24.68
C LEU E 422 7.03 -14.40 -25.08
N ARG E 423 7.14 -14.88 -26.32
CA ARG E 423 6.36 -16.03 -26.78
C ARG E 423 7.20 -17.30 -26.85
N ARG E 424 8.38 -17.22 -27.45
CA ARG E 424 9.21 -18.41 -27.60
C ARG E 424 9.99 -18.76 -26.36
N LYS E 425 9.73 -18.09 -25.23
CA LYS E 425 10.32 -18.43 -23.95
C LYS E 425 9.25 -18.99 -23.04
N SER E 426 9.61 -20.00 -22.25
CA SER E 426 8.65 -20.66 -21.37
C SER E 426 8.17 -19.70 -20.30
N ASN E 427 6.94 -19.23 -20.43
CA ASN E 427 6.34 -18.31 -19.46
C ASN E 427 5.55 -19.12 -18.43
N PHE E 428 4.75 -18.44 -17.62
CA PHE E 428 3.94 -19.11 -16.62
C PHE E 428 2.88 -19.97 -17.30
N ARG E 429 2.52 -21.08 -16.64
CA ARG E 429 1.62 -22.05 -17.25
C ARG E 429 0.21 -21.49 -17.42
N LEU E 430 -0.26 -20.69 -16.46
CA LEU E 430 -1.59 -20.11 -16.56
C LEU E 430 -1.56 -18.85 -17.42
N ARG E 431 -1.06 -18.98 -18.65
CA ARG E 431 -0.94 -17.87 -19.59
C ARG E 431 -1.43 -18.31 -20.96
N GLY E 432 -2.63 -18.89 -21.01
CA GLY E 432 -3.18 -19.35 -22.28
C GLY E 432 -3.32 -18.22 -23.28
N TYR E 433 -3.84 -17.09 -22.85
CA TYR E 433 -3.98 -15.91 -23.70
C TYR E 433 -2.80 -14.97 -23.50
N SER E 434 -1.60 -15.50 -23.71
CA SER E 434 -0.37 -14.73 -23.56
C SER E 434 0.13 -14.13 -24.87
N THR E 435 -0.51 -14.42 -25.99
CA THR E 435 -0.06 -13.94 -27.29
C THR E 435 -1.03 -12.95 -27.90
N GLY E 436 -2.30 -13.33 -28.08
CA GLY E 436 -3.29 -12.49 -28.73
C GLY E 436 -3.68 -11.25 -27.96
N LYS E 437 -3.27 -11.13 -26.70
CA LYS E 437 -3.55 -9.96 -25.89
C LYS E 437 -2.32 -9.10 -25.63
N THR E 438 -1.11 -9.64 -25.77
CA THR E 438 0.11 -8.88 -25.55
C THR E 438 0.92 -8.71 -26.82
N THR E 439 1.34 -9.81 -27.46
CA THR E 439 2.20 -9.70 -28.63
C THR E 439 1.42 -9.25 -29.85
N ALA E 440 0.16 -9.64 -29.96
CA ALA E 440 -0.67 -9.17 -31.06
C ALA E 440 -0.82 -7.66 -31.01
N ILE E 441 -1.09 -7.10 -29.83
CA ILE E 441 -1.20 -5.65 -29.69
C ILE E 441 0.14 -4.99 -29.98
N LEU E 442 1.22 -5.53 -29.41
CA LEU E 442 2.53 -4.94 -29.59
C LEU E 442 3.00 -4.99 -31.03
N PHE E 443 2.49 -5.92 -31.84
CA PHE E 443 2.83 -5.97 -33.25
C PHE E 443 1.92 -5.09 -34.10
N THR E 444 0.62 -5.08 -33.82
CA THR E 444 -0.29 -4.23 -34.58
C THR E 444 -0.01 -2.75 -34.36
N ILE E 445 0.55 -2.40 -33.19
CA ILE E 445 0.87 -0.99 -32.92
C ILE E 445 1.82 -0.45 -33.98
N THR E 446 2.90 -1.20 -34.26
CA THR E 446 3.82 -0.77 -35.30
C THR E 446 3.28 -1.06 -36.69
N SER E 447 2.47 -2.11 -36.84
CA SER E 447 1.94 -2.45 -38.16
C SER E 447 1.07 -1.33 -38.71
N ILE E 448 0.20 -0.78 -37.89
CA ILE E 448 -0.70 0.27 -38.37
C ILE E 448 0.08 1.54 -38.69
N PHE E 449 1.08 1.87 -37.88
CA PHE E 449 1.91 3.04 -38.17
C PHE E 449 2.63 2.88 -39.49
N ALA E 450 3.24 1.71 -39.71
CA ALA E 450 3.93 1.47 -40.97
C ALA E 450 2.98 1.55 -42.15
N THR E 451 1.80 0.93 -42.03
CA THR E 451 0.86 0.92 -43.14
C THR E 451 0.33 2.32 -43.44
N LEU E 452 0.08 3.14 -42.42
CA LEU E 452 -0.48 4.45 -42.63
C LEU E 452 0.56 5.52 -42.95
N TRP E 453 1.84 5.24 -42.78
CA TRP E 453 2.88 6.17 -43.19
C TRP E 453 3.67 5.71 -44.40
N ALA E 454 3.44 4.51 -44.90
CA ALA E 454 4.06 4.07 -46.14
C ALA E 454 3.65 4.90 -47.35
N PRO E 455 2.34 5.18 -47.58
CA PRO E 455 1.97 5.86 -48.82
C PRO E 455 2.58 7.24 -48.98
N ARG E 456 2.60 8.05 -47.92
CA ARG E 456 3.18 9.38 -48.02
C ARG E 456 4.65 9.33 -48.38
N ILE E 457 5.39 8.43 -47.72
CA ILE E 457 6.82 8.31 -48.01
C ILE E 457 7.04 7.83 -49.44
N ILE E 458 6.28 6.83 -49.87
CA ILE E 458 6.52 6.30 -51.20
C ILE E 458 6.15 7.32 -52.27
N MET E 459 5.17 8.21 -52.00
CA MET E 459 4.87 9.21 -53.01
C MET E 459 5.84 10.39 -52.98
N ILE E 460 6.31 10.78 -51.80
CA ILE E 460 7.34 11.83 -51.77
C ILE E 460 8.64 11.34 -52.38
N LEU E 461 8.83 10.01 -52.42
CA LEU E 461 9.94 9.45 -53.19
C LEU E 461 9.56 9.28 -54.66
N TYR E 462 8.27 9.10 -54.94
CA TYR E 462 7.81 8.97 -56.33
C TYR E 462 8.01 10.28 -57.09
N HIS E 463 7.80 11.40 -56.40
CA HIS E 463 8.12 12.69 -57.01
C HIS E 463 9.62 12.83 -57.27
N LEU E 464 10.43 11.96 -56.65
CA LEU E 464 11.87 12.00 -56.88
C LEU E 464 12.26 11.11 -58.05
N TYR E 465 11.74 9.87 -58.10
CA TYR E 465 12.23 8.90 -59.07
C TYR E 465 11.12 8.26 -59.92
N GLY E 466 10.02 8.95 -60.18
CA GLY E 466 9.00 8.33 -61.01
C GLY E 466 8.07 9.33 -61.68
N ALA E 467 7.62 8.93 -62.87
CA ALA E 467 6.58 9.62 -63.61
C ALA E 467 6.84 11.13 -63.78
N PRO E 468 7.79 11.50 -64.64
CA PRO E 468 8.00 12.95 -64.87
C PRO E 468 6.81 13.64 -65.53
N ILE E 469 6.16 12.98 -66.48
CA ILE E 469 5.16 13.63 -67.33
C ILE E 469 3.78 12.99 -67.22
N GLN E 470 3.64 11.89 -66.50
CA GLN E 470 2.36 11.17 -66.45
C GLN E 470 1.62 11.31 -65.14
N ASN E 471 2.32 11.47 -64.03
CA ASN E 471 1.67 11.52 -62.72
C ASN E 471 0.78 12.75 -62.56
N ARG E 472 0.97 13.78 -63.39
CA ARG E 472 0.28 15.05 -63.19
C ARG E 472 -1.24 14.93 -63.27
N TRP E 473 -1.75 13.86 -63.88
CA TRP E 473 -3.19 13.74 -64.09
C TRP E 473 -3.94 13.63 -62.75
N LEU E 474 -3.53 12.70 -61.89
CA LEU E 474 -4.28 12.37 -60.69
C LEU E 474 -3.33 12.15 -59.50
N VAL E 475 -2.36 13.04 -59.36
CA VAL E 475 -1.41 12.97 -58.25
C VAL E 475 -1.95 13.63 -57.00
N HIS E 476 -2.69 14.74 -57.15
CA HIS E 476 -3.16 15.50 -56.00
C HIS E 476 -4.10 14.67 -55.12
N ILE E 477 -5.02 13.94 -55.74
CA ILE E 477 -6.03 13.21 -54.97
C ILE E 477 -5.39 12.14 -54.11
N MET E 478 -4.52 11.31 -54.69
CA MET E 478 -3.93 10.22 -53.91
C MET E 478 -2.83 10.71 -52.99
N SER E 479 -2.16 11.82 -53.31
CA SER E 479 -1.27 12.44 -52.34
C SER E 479 -2.05 12.92 -51.11
N ASP E 480 -3.23 13.51 -51.34
CA ASP E 480 -4.10 13.88 -50.24
C ASP E 480 -4.53 12.64 -49.46
N ILE E 481 -4.81 11.54 -50.16
CA ILE E 481 -5.19 10.31 -49.47
C ILE E 481 -4.06 9.80 -48.58
N ALA E 482 -2.82 9.85 -49.09
CA ALA E 482 -1.69 9.42 -48.28
C ALA E 482 -1.51 10.30 -47.05
N ASN E 483 -1.66 11.62 -47.22
CA ASN E 483 -1.59 12.51 -46.06
C ASN E 483 -2.74 12.24 -45.08
N MET E 484 -3.92 11.88 -45.61
CA MET E 484 -5.04 11.55 -44.74
C MET E 484 -4.76 10.29 -43.93
N LEU E 485 -4.13 9.29 -44.54
CA LEU E 485 -3.74 8.10 -43.78
C LEU E 485 -2.69 8.45 -42.72
N ALA E 486 -1.74 9.30 -43.09
CA ALA E 486 -0.71 9.71 -42.13
C ALA E 486 -1.33 10.39 -40.93
N LEU E 487 -2.32 11.25 -41.15
CA LEU E 487 -2.99 11.93 -40.04
C LEU E 487 -3.97 11.02 -39.29
N LEU E 488 -4.51 9.99 -39.96
CA LEU E 488 -5.35 9.01 -39.27
C LEU E 488 -4.52 8.18 -38.30
N ASN E 489 -3.25 7.98 -38.62
CA ASN E 489 -2.36 7.33 -37.65
C ASN E 489 -2.31 8.10 -36.34
N THR E 490 -2.24 9.43 -36.41
CA THR E 490 -2.17 10.28 -35.24
C THR E 490 -3.41 10.16 -34.35
N ALA E 491 -4.56 9.81 -34.92
CA ALA E 491 -5.78 9.60 -34.15
C ALA E 491 -5.92 8.18 -33.62
N ILE E 492 -5.50 7.17 -34.39
CA ILE E 492 -5.55 5.80 -33.88
C ILE E 492 -4.47 5.58 -32.81
N ASN E 493 -3.47 6.46 -32.76
CA ASN E 493 -2.44 6.38 -31.74
C ASN E 493 -2.98 6.63 -30.33
N PHE E 494 -4.19 7.16 -30.21
CA PHE E 494 -4.94 7.21 -28.96
C PHE E 494 -5.61 5.88 -28.60
N PHE E 495 -6.40 5.34 -29.53
CA PHE E 495 -7.12 4.11 -29.24
C PHE E 495 -6.16 2.94 -29.04
N LEU E 496 -4.94 3.03 -29.55
CA LEU E 496 -3.96 1.97 -29.33
C LEU E 496 -3.23 2.08 -28.00
N TYR E 497 -3.24 3.24 -27.36
CA TYR E 497 -2.42 3.45 -26.17
C TYR E 497 -3.21 3.76 -24.91
N CYS E 498 -4.14 4.71 -24.96
CA CYS E 498 -4.87 5.12 -23.77
C CYS E 498 -6.19 4.40 -23.59
N PHE E 499 -6.94 4.19 -24.68
CA PHE E 499 -8.21 3.48 -24.59
C PHE E 499 -8.04 1.99 -24.32
N ILE E 500 -6.85 1.44 -24.51
CA ILE E 500 -6.65 0.00 -24.37
C ILE E 500 -6.75 -0.42 -22.91
N SER E 501 -6.07 0.28 -22.02
CA SER E 501 -6.04 -0.12 -20.62
C SER E 501 -7.40 0.06 -19.96
N LYS E 502 -7.84 -0.96 -19.23
CA LYS E 502 -9.10 -0.87 -18.50
C LYS E 502 -9.02 0.15 -17.38
N ARG E 503 -7.84 0.27 -16.74
CA ARG E 503 -7.68 1.25 -15.67
C ARG E 503 -7.90 2.67 -16.18
N PHE E 504 -7.35 2.99 -17.35
CA PHE E 504 -7.53 4.32 -17.92
C PHE E 504 -8.99 4.59 -18.22
N ARG E 505 -9.71 3.59 -18.75
CA ARG E 505 -11.13 3.76 -19.04
C ARG E 505 -11.93 3.98 -17.75
N THR E 506 -11.61 3.23 -16.70
CA THR E 506 -12.31 3.42 -15.43
C THR E 506 -12.02 4.81 -14.85
N MET E 507 -10.77 5.26 -14.95
CA MET E 507 -10.44 6.61 -14.47
C MET E 507 -11.18 7.67 -15.27
N ALA E 508 -11.28 7.49 -16.60
CA ALA E 508 -12.03 8.44 -17.42
C ALA E 508 -13.50 8.44 -17.04
N ALA E 509 -14.07 7.27 -16.79
CA ALA E 509 -15.46 7.19 -16.37
C ALA E 509 -15.68 7.89 -15.03
N ALA E 510 -14.73 7.74 -14.11
CA ALA E 510 -14.85 8.41 -12.81
C ALA E 510 -14.68 9.92 -12.93
N THR E 511 -13.81 10.38 -13.83
CA THR E 511 -13.49 11.80 -13.91
C THR E 511 -14.34 12.58 -14.91
N LEU E 512 -15.16 11.91 -15.72
CA LEU E 512 -15.99 12.64 -16.67
C LEU E 512 -17.14 13.38 -15.98
N LYS E 513 -17.47 13.00 -14.75
CA LYS E 513 -18.52 13.66 -13.99
C LYS E 513 -17.97 14.66 -12.99
N ALA E 514 -16.67 14.97 -13.05
CA ALA E 514 -16.06 15.86 -12.07
C ALA E 514 -16.66 17.25 -12.11
N PHE E 515 -16.88 17.79 -13.32
CA PHE E 515 -17.45 19.13 -13.43
C PHE E 515 -18.92 19.16 -13.02
N PHE E 516 -19.66 18.08 -13.25
CA PHE E 516 -21.06 18.02 -12.88
C PHE E 516 -21.28 17.05 -11.73
C10 7ZQ F . 3.25 17.58 -43.94
C11 7ZQ F . 3.47 18.55 -42.79
C12 7ZQ F . 2.34 16.46 -43.46
C13 7ZQ F . 1.11 16.25 -44.07
C14 7ZQ F . 0.29 15.23 -43.64
C15 7ZQ F . 0.69 14.41 -42.60
C16 7ZQ F . 1.91 14.61 -41.99
C17 7ZQ F . 2.73 15.64 -42.42
C1 7ZQ F . 5.54 16.94 -52.37
C2 7ZQ F . 5.17 15.73 -52.93
C3 7ZQ F . 4.01 15.10 -52.50
C4 7ZQ F . 3.24 15.67 -51.51
C5 7ZQ F . 3.61 16.87 -50.94
C6 7ZQ F . 4.77 17.51 -51.37
C7 7ZQ F . 2.76 17.49 -49.85
C8 7ZQ F . 2.69 18.74 -47.63
C9 7ZQ F . 3.26 18.11 -46.37
N1 7ZQ F . 3.42 18.14 -48.73
N2 7ZQ F . 2.63 18.23 -45.08
O1 7ZQ F . 1.58 17.43 -49.89
O2 7ZQ F . 4.26 17.47 -46.46
CL1 7ZQ F . 3.52 13.54 -53.22
#